data_4BK4
#
_entry.id   4BK4
#
_cell.length_a   166.890
_cell.length_b   166.890
_cell.length_c   192.090
_cell.angle_alpha   90.00
_cell.angle_beta   90.00
_cell.angle_gamma   120.00
#
_symmetry.space_group_name_H-M   'P 32 2 1'
#
_entity_poly.entity_id   1
_entity_poly.type   'polypeptide(L)'
_entity_poly.pdbx_seq_one_letter_code
;MGILPSPGMPALLSLVSLLSVLLMGCVAETGVTGSRVYPANEVTLLDSRSVQGELGWIASPLEGGWEEVSIMDEKNTPIR
TYQVCNVMEPSQNNWLRTDWITREGAQRVYIEIKFTLRDCNSLPGVMGTCKETFNLYYYESDNDKERFIRENQFVKIDTI
AADESFTQVDIGDRIMKLNTEIRDVGPLSKKGFYLAFQDVGACIALVSVRVFYKKCPLTVRNLAQFPDTITGADTSSLVE
VRGSCVNNSEEKDVPKMYCGADGEWLVPIGNCLCNAGHEERSGECQACKIGYYKALSTDATCAKCPPHSYSVWEGATSCT
CDRGFFRADNDAASMPCTRPPSAPLNLISNVNETSVNLEWSSPQNTGGRQDISYNVVCKKCGAGDPSKCRPCGSGVHYTP
QQNGLKTTKVSITDLLAHTNYTFEIWAVNGVSKYNPNPDQSVSVTVTTNQAAPSSIALVQAKEVTRYSVALAWLEPDRPN
GVILEYEVKYYEKDQNERSYRIVRTAARNTDIKGLNPLTSYVFHVRARTAAGYGDFSEPLEVTTNTVPSRIIGDGANSTG
TKHHHHHH
;
_entity_poly.pdbx_strand_id   A,B
#
# COMPACT_ATOMS: atom_id res chain seq x y z
N PRO A 39 46.95 -3.49 40.16
CA PRO A 39 45.55 -3.73 40.54
C PRO A 39 44.62 -2.56 40.21
N ALA A 40 45.11 -1.31 40.42
CA ALA A 40 44.36 -0.09 40.16
C ALA A 40 44.22 0.20 38.66
N ASN A 41 43.30 1.13 38.28
CA ASN A 41 43.04 1.52 36.89
C ASN A 41 44.22 2.23 36.21
N GLU A 42 45.15 2.80 37.01
CA GLU A 42 46.35 3.51 36.55
C GLU A 42 47.37 2.57 35.92
N VAL A 43 47.87 2.92 34.72
CA VAL A 43 48.87 2.15 33.97
C VAL A 43 50.26 2.23 34.64
N THR A 44 50.83 1.04 34.96
CA THR A 44 52.13 0.88 35.60
C THR A 44 53.26 0.80 34.57
N LEU A 45 54.45 1.30 34.93
CA LEU A 45 55.64 1.31 34.08
C LEU A 45 56.72 0.35 34.58
N LEU A 46 57.01 0.38 35.90
CA LEU A 46 58.03 -0.49 36.51
C LEU A 46 57.56 -1.06 37.85
N ASP A 47 57.78 -2.37 38.05
CA ASP A 47 57.41 -3.09 39.27
C ASP A 47 58.45 -4.16 39.61
N SER A 48 58.64 -4.43 40.91
CA SER A 48 59.59 -5.41 41.43
C SER A 48 59.20 -6.86 41.11
N ARG A 49 57.89 -7.16 41.14
CA ARG A 49 57.34 -8.50 40.88
C ARG A 49 57.09 -8.77 39.39
N SER A 50 56.54 -7.77 38.67
CA SER A 50 56.19 -7.87 37.24
C SER A 50 57.37 -8.00 36.27
N VAL A 51 58.60 -7.66 36.73
CA VAL A 51 59.84 -7.73 35.94
C VAL A 51 60.18 -9.17 35.48
N GLN A 52 60.79 -9.29 34.28
CA GLN A 52 61.20 -10.57 33.69
C GLN A 52 62.56 -10.99 34.24
N GLY A 53 62.55 -11.97 35.14
CA GLY A 53 63.74 -12.50 35.79
C GLY A 53 64.41 -11.51 36.72
N GLU A 54 65.46 -10.84 36.22
CA GLU A 54 66.23 -9.82 36.95
C GLU A 54 65.81 -8.42 36.54
N LEU A 55 65.90 -7.45 37.47
CA LEU A 55 65.55 -6.05 37.25
C LEU A 55 66.49 -5.33 36.29
N GLY A 56 67.78 -5.69 36.33
CA GLY A 56 68.81 -5.08 35.51
C GLY A 56 69.17 -3.68 35.97
N TRP A 57 69.28 -3.49 37.29
CA TRP A 57 69.61 -2.21 37.93
C TRP A 57 71.11 -2.10 38.18
N ILE A 58 71.71 -0.98 37.75
CA ILE A 58 73.15 -0.70 37.91
C ILE A 58 73.41 -0.12 39.30
N ALA A 59 74.36 -0.73 40.04
CA ALA A 59 74.73 -0.30 41.39
C ALA A 59 76.21 0.04 41.49
N SER A 60 76.53 1.08 42.26
CA SER A 60 77.91 1.53 42.52
C SER A 60 78.06 1.88 44.01
N PRO A 61 78.92 1.17 44.80
CA PRO A 61 79.83 0.06 44.41
C PRO A 61 79.16 -1.31 44.34
N LEU A 62 79.90 -2.32 43.82
CA LEU A 62 79.42 -3.70 43.66
C LEU A 62 79.55 -4.49 44.96
N GLU A 63 80.73 -4.41 45.61
CA GLU A 63 80.99 -5.08 46.89
C GLU A 63 80.95 -4.07 48.03
N GLY A 64 80.11 -4.35 49.03
CA GLY A 64 79.92 -3.48 50.19
C GLY A 64 78.88 -2.39 50.00
N GLY A 65 78.18 -2.43 48.86
CA GLY A 65 77.14 -1.48 48.50
C GLY A 65 75.75 -2.11 48.55
N TRP A 66 74.95 -1.88 47.49
CA TRP A 66 73.60 -2.42 47.37
C TRP A 66 73.64 -3.92 47.06
N GLU A 67 73.10 -4.74 47.98
CA GLU A 67 73.06 -6.20 47.88
C GLU A 67 71.74 -6.69 47.27
N GLU A 68 71.77 -7.87 46.62
CA GLU A 68 70.61 -8.49 45.98
C GLU A 68 69.91 -9.50 46.91
N VAL A 69 69.59 -9.07 48.16
CA VAL A 69 68.93 -9.89 49.16
C VAL A 69 67.44 -10.05 48.82
N SER A 70 67.13 -11.09 48.03
CA SER A 70 65.77 -11.39 47.56
C SER A 70 65.09 -12.45 48.42
N ILE A 71 63.76 -12.33 48.59
CA ILE A 71 62.93 -13.25 49.38
C ILE A 71 62.06 -14.08 48.42
N MET A 72 62.15 -15.42 48.54
CA MET A 72 61.39 -16.36 47.70
C MET A 72 60.19 -16.92 48.46
N ASP A 73 58.97 -16.65 47.95
CA ASP A 73 57.72 -17.12 48.55
C ASP A 73 56.63 -17.32 47.48
N GLU A 74 56.99 -18.05 46.40
CA GLU A 74 56.11 -18.36 45.27
C GLU A 74 56.58 -19.63 44.55
N LYS A 75 55.69 -20.26 43.75
CA LYS A 75 55.97 -21.49 43.00
C LYS A 75 57.03 -21.26 41.90
N ASN A 76 58.30 -21.55 42.25
CA ASN A 76 59.49 -21.44 41.40
C ASN A 76 59.76 -20.03 40.81
N THR A 77 59.28 -18.97 41.49
CA THR A 77 59.45 -17.58 41.07
C THR A 77 59.91 -16.67 42.23
N PRO A 78 61.03 -15.92 42.06
CA PRO A 78 61.50 -15.06 43.16
C PRO A 78 60.94 -13.63 43.17
N ILE A 79 61.12 -12.92 44.30
CA ILE A 79 60.69 -11.52 44.48
C ILE A 79 61.94 -10.70 44.80
N ARG A 80 62.33 -9.82 43.84
CA ARG A 80 63.53 -8.98 43.91
C ARG A 80 63.45 -7.88 44.97
N THR A 81 64.51 -7.74 45.79
CA THR A 81 64.64 -6.76 46.88
C THR A 81 66.12 -6.35 47.04
N TYR A 82 66.38 -5.03 47.10
CA TYR A 82 67.73 -4.48 47.29
C TYR A 82 67.94 -4.05 48.74
N GLN A 83 69.07 -4.49 49.34
CA GLN A 83 69.40 -4.24 50.75
C GLN A 83 70.79 -3.60 50.94
N VAL A 84 70.89 -2.69 51.92
CA VAL A 84 72.14 -1.99 52.29
C VAL A 84 72.10 -1.60 53.78
N CYS A 85 73.19 -1.90 54.52
CA CYS A 85 73.31 -1.61 55.96
C CYS A 85 74.78 -1.42 56.36
N ASN A 86 75.27 -0.18 56.25
CA ASN A 86 76.64 0.20 56.59
C ASN A 86 76.65 1.38 57.58
N VAL A 87 76.18 1.11 58.80
CA VAL A 87 76.06 2.09 59.89
C VAL A 87 77.39 2.37 60.61
N MET A 88 78.22 1.33 60.79
CA MET A 88 79.53 1.41 61.47
C MET A 88 80.60 2.17 60.67
N GLU A 89 80.50 2.16 59.33
CA GLU A 89 81.44 2.82 58.43
C GLU A 89 81.13 4.31 58.23
N PRO A 90 82.13 5.21 58.32
CA PRO A 90 81.86 6.64 58.14
C PRO A 90 81.84 7.11 56.69
N SER A 91 81.10 8.22 56.42
CA SER A 91 80.93 8.87 55.11
C SER A 91 80.50 7.89 53.99
N GLN A 92 79.46 7.07 54.29
CA GLN A 92 78.93 6.08 53.36
C GLN A 92 78.05 6.70 52.28
N ASN A 93 78.32 6.35 51.02
CA ASN A 93 77.58 6.82 49.85
C ASN A 93 77.37 5.66 48.88
N ASN A 94 76.11 5.21 48.74
CA ASN A 94 75.74 4.09 47.89
C ASN A 94 74.63 4.48 46.91
N TRP A 95 74.90 4.28 45.60
CA TRP A 95 73.97 4.62 44.52
C TRP A 95 73.34 3.36 43.91
N LEU A 96 72.05 3.47 43.52
CA LEU A 96 71.31 2.39 42.88
C LEU A 96 70.39 2.97 41.79
N ARG A 97 70.84 2.94 40.53
CA ARG A 97 70.06 3.44 39.41
C ARG A 97 69.23 2.36 38.72
N THR A 98 67.99 2.71 38.37
CA THR A 98 67.02 1.81 37.73
C THR A 98 67.27 1.71 36.22
N ASP A 99 66.67 0.68 35.57
CA ASP A 99 66.77 0.45 34.12
C ASP A 99 65.96 1.51 33.35
N TRP A 100 66.19 1.61 32.03
CA TRP A 100 65.51 2.55 31.12
C TRP A 100 63.99 2.34 31.17
N ILE A 101 63.24 3.43 31.47
CA ILE A 101 61.79 3.40 31.56
C ILE A 101 61.17 4.15 30.37
N THR A 102 60.40 3.42 29.54
CA THR A 102 59.71 3.98 28.38
C THR A 102 58.45 4.67 28.89
N ARG A 103 58.37 6.01 28.73
CA ARG A 103 57.26 6.84 29.19
C ARG A 103 55.90 6.51 28.60
N GLU A 104 55.86 6.18 27.28
CA GLU A 104 54.64 5.84 26.53
C GLU A 104 53.52 6.90 26.59
N GLY A 105 53.92 8.16 26.48
CA GLY A 105 53.02 9.31 26.49
C GLY A 105 52.51 9.68 27.87
N ALA A 106 53.43 9.82 28.83
CA ALA A 106 53.13 10.18 30.21
C ALA A 106 53.21 11.70 30.43
N GLN A 107 52.71 12.20 31.57
CA GLN A 107 52.73 13.62 31.91
C GLN A 107 53.23 13.83 33.35
N ARG A 108 52.58 13.18 34.33
CA ARG A 108 52.94 13.23 35.74
C ARG A 108 53.18 11.80 36.24
N VAL A 109 54.39 11.53 36.75
CA VAL A 109 54.78 10.20 37.22
C VAL A 109 54.80 10.12 38.75
N TYR A 110 54.11 9.11 39.30
CA TYR A 110 53.99 8.83 40.73
C TYR A 110 54.87 7.62 41.09
N ILE A 111 55.78 7.79 42.07
CA ILE A 111 56.69 6.74 42.51
C ILE A 111 56.33 6.26 43.92
N GLU A 112 55.85 5.01 44.03
CA GLU A 112 55.46 4.36 45.29
C GLU A 112 56.58 3.43 45.75
N ILE A 113 57.16 3.70 46.93
CA ILE A 113 58.24 2.91 47.50
C ILE A 113 57.87 2.30 48.85
N LYS A 114 57.92 0.97 48.95
CA LYS A 114 57.64 0.20 50.17
C LYS A 114 59.00 -0.25 50.71
N PHE A 115 59.39 0.24 51.89
CA PHE A 115 60.70 -0.04 52.49
C PHE A 115 60.67 -0.31 54.00
N THR A 116 61.79 -0.87 54.52
CA THR A 116 62.01 -1.13 55.94
C THR A 116 63.10 -0.17 56.43
N LEU A 117 62.79 0.60 57.48
CA LEU A 117 63.71 1.57 58.06
C LEU A 117 63.96 1.28 59.54
N ARG A 118 65.20 0.87 59.87
CA ARG A 118 65.62 0.55 61.23
C ARG A 118 65.99 1.83 61.98
N ASP A 119 65.35 2.06 63.14
CA ASP A 119 65.59 3.23 63.99
C ASP A 119 66.98 3.20 64.59
N CYS A 120 67.62 4.38 64.70
CA CYS A 120 68.97 4.53 65.25
C CYS A 120 69.04 4.27 66.76
N ASN A 121 67.89 4.31 67.44
CA ASN A 121 67.76 4.07 68.89
C ASN A 121 67.85 2.59 69.23
N SER A 122 67.34 1.70 68.34
CA SER A 122 67.29 0.25 68.50
C SER A 122 68.61 -0.39 68.92
N LEU A 123 69.72 0.08 68.32
CA LEU A 123 71.07 -0.41 68.62
C LEU A 123 72.01 0.77 68.92
N PRO A 124 72.92 0.67 69.93
CA PRO A 124 73.82 1.78 70.22
C PRO A 124 74.85 2.01 69.12
N GLY A 125 75.20 3.27 68.88
CA GLY A 125 76.15 3.64 67.84
C GLY A 125 77.04 4.82 68.18
N VAL A 126 77.60 5.44 67.12
CA VAL A 126 78.51 6.59 67.21
C VAL A 126 77.71 7.90 67.05
N MET A 127 78.04 8.92 67.86
CA MET A 127 77.42 10.24 67.90
C MET A 127 77.44 10.94 66.53
N GLY A 128 76.25 11.04 65.93
CA GLY A 128 76.02 11.66 64.63
C GLY A 128 76.60 10.88 63.46
N THR A 129 76.29 9.58 63.39
CA THR A 129 76.77 8.68 62.33
C THR A 129 75.60 7.99 61.62
N CYS A 130 74.69 7.38 62.41
CA CYS A 130 73.49 6.69 61.96
C CYS A 130 72.49 7.67 61.32
N LYS A 131 71.75 7.19 60.31
CA LYS A 131 70.75 7.97 59.60
C LYS A 131 69.41 7.23 59.52
N GLU A 132 68.31 7.98 59.36
CA GLU A 132 66.95 7.46 59.25
C GLU A 132 66.26 8.03 58.00
N THR A 133 67.07 8.46 57.01
CA THR A 133 66.61 9.06 55.76
C THR A 133 67.40 8.57 54.54
N PHE A 134 66.76 8.59 53.36
CA PHE A 134 67.36 8.23 52.08
C PHE A 134 66.80 9.12 50.95
N ASN A 135 67.70 9.67 50.12
CA ASN A 135 67.36 10.59 49.03
C ASN A 135 66.85 9.88 47.76
N LEU A 136 65.99 10.58 46.99
CA LEU A 136 65.42 10.08 45.74
C LEU A 136 65.85 10.98 44.57
N TYR A 137 66.49 10.39 43.55
CA TYR A 137 67.02 11.11 42.39
C TYR A 137 66.36 10.71 41.07
N TYR A 138 66.33 11.64 40.10
CA TYR A 138 65.78 11.43 38.75
C TYR A 138 66.58 12.16 37.67
N TYR A 139 66.72 11.52 36.49
CA TYR A 139 67.45 12.05 35.34
C TYR A 139 66.75 11.64 34.04
N GLU A 140 66.46 12.62 33.17
CA GLU A 140 65.80 12.40 31.88
C GLU A 140 66.84 12.17 30.78
N SER A 141 66.58 11.18 29.91
CA SER A 141 67.46 10.81 28.80
C SER A 141 66.68 10.39 27.55
N ASP A 142 67.38 10.31 26.40
CA ASP A 142 66.81 9.91 25.11
C ASP A 142 67.37 8.57 24.61
N ASN A 143 68.63 8.26 24.97
CA ASN A 143 69.32 7.03 24.58
C ASN A 143 68.75 5.82 25.33
N ASP A 144 68.41 4.75 24.58
CA ASP A 144 67.81 3.52 25.10
C ASP A 144 68.74 2.71 26.02
N LYS A 145 69.80 2.09 25.46
CA LYS A 145 70.75 1.28 26.22
C LYS A 145 72.03 2.04 26.57
N GLU A 146 72.26 2.25 27.88
CA GLU A 146 73.43 2.98 28.37
C GLU A 146 74.21 2.16 29.41
N ARG A 147 75.55 2.27 29.37
CA ARG A 147 76.49 1.57 30.26
C ARG A 147 76.59 2.28 31.62
N PHE A 148 76.97 3.58 31.61
CA PHE A 148 77.14 4.39 32.81
C PHE A 148 76.39 5.72 32.72
N ILE A 149 75.80 6.15 33.86
CA ILE A 149 75.08 7.42 34.01
C ILE A 149 75.84 8.26 35.03
N ARG A 150 76.07 9.56 34.72
CA ARG A 150 76.78 10.50 35.60
C ARG A 150 76.04 10.72 36.92
N GLU A 151 76.77 10.55 38.04
CA GLU A 151 76.27 10.67 39.41
C GLU A 151 75.86 12.11 39.76
N ASN A 152 76.67 13.09 39.36
CA ASN A 152 76.43 14.52 39.61
C ASN A 152 75.27 15.09 38.78
N GLN A 153 74.99 14.48 37.61
CA GLN A 153 73.94 14.90 36.67
C GLN A 153 72.51 14.69 37.20
N PHE A 154 72.33 13.78 38.19
CA PHE A 154 71.03 13.46 38.79
C PHE A 154 70.43 14.63 39.59
N VAL A 155 69.10 14.78 39.54
CA VAL A 155 68.35 15.83 40.24
C VAL A 155 67.50 15.20 41.35
N LYS A 156 67.65 15.69 42.60
CA LYS A 156 66.93 15.20 43.78
C LYS A 156 65.45 15.62 43.75
N ILE A 157 64.57 14.70 44.20
CA ILE A 157 63.13 14.93 44.28
C ILE A 157 62.78 15.40 45.68
N ASP A 158 62.92 14.51 46.69
CA ASP A 158 62.63 14.77 48.10
C ASP A 158 63.30 13.71 49.00
N THR A 159 63.67 14.10 50.23
CA THR A 159 64.27 13.21 51.22
C THR A 159 63.16 12.36 51.85
N ILE A 160 63.26 11.03 51.71
CA ILE A 160 62.25 10.10 52.23
C ILE A 160 62.60 9.60 53.63
N ALA A 161 61.62 9.67 54.54
CA ALA A 161 61.74 9.25 55.95
C ALA A 161 60.59 8.31 56.36
N ALA A 162 60.69 7.72 57.57
CA ALA A 162 59.70 6.83 58.14
C ALA A 162 58.49 7.59 58.69
N ASP A 163 57.31 6.95 58.66
CA ASP A 163 56.04 7.49 59.18
C ASP A 163 55.51 6.60 60.34
N GLU A 164 54.75 7.21 61.29
CA GLU A 164 54.19 6.53 62.47
C GLU A 164 53.19 5.43 62.15
N SER A 165 52.33 5.65 61.13
CA SER A 165 51.32 4.67 60.72
C SER A 165 51.91 3.63 59.77
N PHE A 166 52.00 2.37 60.24
CA PHE A 166 52.54 1.24 59.48
C PHE A 166 51.49 0.63 58.57
N THR A 167 51.86 0.36 57.30
CA THR A 167 50.97 -0.24 56.31
C THR A 167 51.12 -1.76 56.33
N GLN A 168 49.99 -2.48 56.40
CA GLN A 168 49.97 -3.94 56.44
C GLN A 168 49.89 -4.53 55.03
N VAL A 169 51.03 -5.06 54.55
CA VAL A 169 51.17 -5.68 53.24
C VAL A 169 52.14 -6.88 53.30
N ASP A 170 51.62 -8.08 53.03
CA ASP A 170 52.40 -9.33 53.09
C ASP A 170 52.60 -9.99 51.74
N ILE A 171 53.78 -10.61 51.55
CA ILE A 171 54.16 -11.32 50.33
C ILE A 171 53.82 -12.83 50.42
N GLY A 172 54.02 -13.42 51.60
CA GLY A 172 53.75 -14.82 51.86
C GLY A 172 52.51 -15.04 52.70
N ASP A 173 52.61 -15.89 53.73
CA ASP A 173 51.51 -16.20 54.64
C ASP A 173 51.55 -15.31 55.89
N ARG A 174 52.75 -15.10 56.46
CA ARG A 174 52.94 -14.25 57.64
C ARG A 174 52.83 -12.77 57.31
N ILE A 175 52.12 -12.02 58.18
CA ILE A 175 51.87 -10.58 58.05
C ILE A 175 53.18 -9.78 58.15
N MET A 176 53.36 -8.81 57.23
CA MET A 176 54.52 -7.93 57.18
C MET A 176 54.08 -6.47 57.31
N LYS A 177 54.71 -5.72 58.23
CA LYS A 177 54.40 -4.31 58.47
C LYS A 177 55.52 -3.40 57.98
N LEU A 178 55.36 -2.86 56.76
CA LEU A 178 56.32 -1.98 56.10
C LEU A 178 55.67 -0.63 55.79
N ASN A 179 56.39 0.47 56.05
CA ASN A 179 55.87 1.81 55.78
C ASN A 179 56.01 2.16 54.30
N THR A 180 54.91 2.62 53.70
CA THR A 180 54.87 3.01 52.28
C THR A 180 54.94 4.53 52.10
N GLU A 181 55.62 4.98 51.03
CA GLU A 181 55.79 6.40 50.71
C GLU A 181 55.60 6.65 49.21
N ILE A 182 54.80 7.68 48.87
CA ILE A 182 54.51 8.04 47.47
C ILE A 182 55.04 9.44 47.13
N ARG A 183 55.80 9.55 46.03
CA ARG A 183 56.38 10.81 45.57
C ARG A 183 56.08 11.06 44.10
N ASP A 184 55.57 12.26 43.78
CA ASP A 184 55.23 12.66 42.41
C ASP A 184 56.26 13.61 41.80
N VAL A 185 56.50 13.46 40.49
CA VAL A 185 57.42 14.30 39.72
C VAL A 185 56.87 14.57 38.30
N GLY A 186 56.94 15.83 37.87
CA GLY A 186 56.46 16.25 36.56
C GLY A 186 56.42 17.76 36.36
N PRO A 187 56.31 18.26 35.10
CA PRO A 187 56.21 17.51 33.84
C PRO A 187 57.56 17.08 33.26
N LEU A 188 57.55 16.01 32.44
CA LEU A 188 58.73 15.45 31.78
C LEU A 188 58.63 15.65 30.26
N SER A 189 59.70 16.17 29.64
CA SER A 189 59.73 16.46 28.20
C SER A 189 60.41 15.37 27.37
N LYS A 190 61.53 14.78 27.87
CA LYS A 190 62.30 13.76 27.18
C LYS A 190 61.57 12.43 26.98
N LYS A 191 62.15 11.52 26.15
CA LYS A 191 61.61 10.21 25.81
C LYS A 191 61.42 9.28 27.02
N GLY A 192 62.40 9.27 27.92
CA GLY A 192 62.38 8.44 29.13
C GLY A 192 63.10 9.05 30.31
N PHE A 193 63.17 8.29 31.42
CA PHE A 193 63.81 8.73 32.67
C PHE A 193 64.44 7.58 33.46
N TYR A 194 65.40 7.92 34.36
CA TYR A 194 66.09 7.01 35.24
C TYR A 194 65.87 7.43 36.70
N LEU A 195 65.68 6.47 37.60
CA LEU A 195 65.48 6.71 39.04
C LEU A 195 66.63 6.16 39.86
N ALA A 196 67.13 6.95 40.82
CA ALA A 196 68.25 6.56 41.68
C ALA A 196 67.95 6.70 43.17
N PHE A 197 68.44 5.74 43.98
CA PHE A 197 68.29 5.70 45.43
C PHE A 197 69.64 5.91 46.10
N GLN A 198 69.72 6.91 47.02
CA GLN A 198 70.97 7.21 47.73
C GLN A 198 70.94 6.87 49.20
N ASP A 199 72.02 6.22 49.69
CA ASP A 199 72.20 5.83 51.09
C ASP A 199 73.31 6.66 51.73
N VAL A 200 73.00 7.27 52.89
CA VAL A 200 73.95 8.10 53.65
C VAL A 200 74.42 7.44 54.96
N GLY A 201 74.32 6.11 55.00
CA GLY A 201 74.71 5.29 56.16
C GLY A 201 73.52 4.92 57.02
N ALA A 202 72.53 4.25 56.41
CA ALA A 202 71.29 3.82 57.06
C ALA A 202 70.96 2.37 56.72
N CYS A 203 70.33 1.65 57.68
CA CYS A 203 69.92 0.26 57.48
C CYS A 203 68.57 0.24 56.76
N ILE A 204 68.60 0.03 55.43
CA ILE A 204 67.40 0.05 54.59
C ILE A 204 67.31 -1.13 53.60
N ALA A 205 66.08 -1.51 53.26
CA ALA A 205 65.75 -2.58 52.32
C ALA A 205 64.55 -2.16 51.47
N LEU A 206 64.76 -1.99 50.15
CA LEU A 206 63.70 -1.58 49.22
C LEU A 206 62.88 -2.81 48.79
N VAL A 207 61.72 -3.00 49.43
CA VAL A 207 60.83 -4.14 49.17
C VAL A 207 60.09 -4.03 47.83
N SER A 208 59.27 -2.97 47.65
CA SER A 208 58.50 -2.77 46.43
C SER A 208 58.67 -1.36 45.87
N VAL A 209 59.02 -1.28 44.57
CA VAL A 209 59.21 -0.02 43.85
C VAL A 209 58.20 0.02 42.69
N ARG A 210 57.13 0.82 42.84
CA ARG A 210 56.07 0.97 41.85
C ARG A 210 56.18 2.32 41.14
N VAL A 211 56.21 2.31 39.80
CA VAL A 211 56.28 3.50 38.96
C VAL A 211 55.04 3.51 38.06
N PHE A 212 54.12 4.47 38.28
CA PHE A 212 52.89 4.57 37.51
C PHE A 212 52.36 5.99 37.34
N TYR A 213 51.70 6.26 36.21
CA TYR A 213 51.09 7.56 35.89
C TYR A 213 49.57 7.46 36.02
N LYS A 214 48.92 8.52 36.54
CA LYS A 214 47.46 8.54 36.70
C LYS A 214 46.75 8.75 35.36
N LYS A 215 45.69 7.95 35.10
CA LYS A 215 44.92 8.05 33.86
C LYS A 215 43.41 7.91 34.05
N CYS A 216 42.64 8.61 33.19
CA CYS A 216 41.17 8.58 33.20
C CYS A 216 40.69 7.37 32.37
N PRO A 217 39.95 6.41 32.99
CA PRO A 217 39.55 5.20 32.26
C PRO A 217 38.47 5.39 31.19
N LEU A 218 38.40 4.44 30.24
CA LEU A 218 37.44 4.40 29.14
C LEU A 218 36.07 4.02 29.71
N THR A 219 35.17 5.01 29.85
CA THR A 219 33.82 4.84 30.40
C THR A 219 32.74 5.47 29.52
N VAL A 220 31.56 4.83 29.47
CA VAL A 220 30.41 5.29 28.69
C VAL A 220 29.34 5.85 29.64
N ARG A 221 29.14 7.18 29.61
CA ARG A 221 28.16 7.90 30.43
C ARG A 221 27.33 8.83 29.55
N ASN A 222 26.02 8.96 29.88
CA ASN A 222 25.03 9.80 29.17
C ASN A 222 24.90 9.40 27.68
N LEU A 223 25.02 8.08 27.40
CA LEU A 223 24.94 7.44 26.09
C LEU A 223 25.97 7.98 25.07
N ALA A 224 27.24 8.14 25.52
CA ALA A 224 28.37 8.63 24.74
C ALA A 224 29.69 7.98 25.20
N GLN A 225 30.53 7.57 24.23
CA GLN A 225 31.82 6.93 24.48
C GLN A 225 32.93 7.95 24.74
N PHE A 226 33.79 7.67 25.75
CA PHE A 226 34.92 8.52 26.11
C PHE A 226 36.23 7.71 26.13
N PRO A 227 37.27 8.15 25.39
CA PRO A 227 38.52 7.37 25.37
C PRO A 227 39.44 7.63 26.56
N ASP A 228 40.49 6.80 26.72
CA ASP A 228 41.48 6.91 27.79
C ASP A 228 42.36 8.14 27.59
N THR A 229 42.36 9.04 28.58
CA THR A 229 43.12 10.29 28.55
C THR A 229 44.06 10.45 29.74
N ILE A 230 45.29 10.92 29.47
CA ILE A 230 46.33 11.14 30.48
C ILE A 230 46.05 12.40 31.30
N THR A 231 46.46 12.40 32.58
CA THR A 231 46.27 13.52 33.51
C THR A 231 47.09 14.74 33.12
N GLY A 232 46.60 15.93 33.50
CA GLY A 232 47.24 17.21 33.23
C GLY A 232 48.57 17.39 33.94
N ALA A 233 49.43 18.25 33.39
CA ALA A 233 50.76 18.56 33.92
C ALA A 233 50.72 19.29 35.27
N ASP A 234 49.65 20.05 35.52
CA ASP A 234 49.47 20.81 36.76
C ASP A 234 48.19 20.39 37.50
N THR A 235 48.18 20.54 38.83
CA THR A 235 47.04 20.21 39.70
C THR A 235 45.90 21.21 39.46
N SER A 236 46.24 22.48 39.15
CA SER A 236 45.28 23.55 38.88
C SER A 236 44.79 23.60 37.42
N SER A 237 45.23 22.62 36.59
CA SER A 237 44.83 22.52 35.18
C SER A 237 43.99 21.27 34.90
N LEU A 238 42.83 21.46 34.24
CA LEU A 238 41.90 20.39 33.87
C LEU A 238 41.98 20.08 32.38
N VAL A 239 41.78 18.81 32.02
CA VAL A 239 41.83 18.33 30.63
C VAL A 239 40.42 18.19 30.05
N GLU A 240 40.13 18.90 28.95
CA GLU A 240 38.84 18.87 28.25
C GLU A 240 38.80 17.63 27.34
N VAL A 241 37.91 16.67 27.65
CA VAL A 241 37.77 15.43 26.90
C VAL A 241 36.43 15.39 26.16
N ARG A 242 36.48 15.40 24.82
CA ARG A 242 35.30 15.31 23.96
C ARG A 242 35.34 14.02 23.14
N GLY A 243 34.47 13.08 23.51
CA GLY A 243 34.38 11.77 22.87
C GLY A 243 33.21 11.62 21.93
N SER A 244 33.40 10.82 20.87
CA SER A 244 32.39 10.55 19.84
C SER A 244 31.25 9.66 20.35
N CYS A 245 30.03 9.90 19.85
CA CYS A 245 28.82 9.16 20.22
C CYS A 245 28.68 7.84 19.45
N VAL A 246 27.75 6.97 19.89
CA VAL A 246 27.42 5.66 19.32
C VAL A 246 26.91 5.82 17.87
N ASN A 247 27.26 4.86 16.98
CA ASN A 247 26.87 4.81 15.56
C ASN A 247 25.35 4.84 15.35
N ASN A 248 24.58 4.21 16.27
CA ASN A 248 23.11 4.15 16.24
C ASN A 248 22.50 5.22 17.17
N SER A 249 23.13 6.42 17.22
CA SER A 249 22.71 7.57 18.03
C SER A 249 23.16 8.89 17.41
N GLU A 250 22.32 9.93 17.54
CA GLU A 250 22.60 11.27 17.00
C GLU A 250 22.91 12.26 18.12
N GLU A 251 23.94 13.12 17.90
CA GLU A 251 24.38 14.14 18.86
C GLU A 251 23.43 15.34 18.89
N LYS A 252 22.63 15.44 19.96
CA LYS A 252 21.69 16.54 20.18
C LYS A 252 22.38 17.68 20.90
N ASP A 253 23.17 17.34 21.95
CA ASP A 253 23.96 18.27 22.76
C ASP A 253 25.41 17.79 22.75
N VAL A 254 26.37 18.73 22.59
CA VAL A 254 27.82 18.45 22.53
C VAL A 254 28.33 17.79 23.83
N PRO A 255 28.78 16.51 23.77
CA PRO A 255 29.25 15.85 25.00
C PRO A 255 30.70 16.16 25.36
N LYS A 256 30.95 16.45 26.65
CA LYS A 256 32.29 16.77 27.17
C LYS A 256 32.46 16.38 28.64
N MET A 257 33.68 15.93 28.99
CA MET A 257 34.06 15.53 30.34
C MET A 257 35.41 16.13 30.73
N TYR A 258 35.62 16.38 32.03
CA TYR A 258 36.86 16.99 32.51
C TYR A 258 37.73 16.04 33.34
N CYS A 259 38.78 15.49 32.70
CA CYS A 259 39.75 14.54 33.27
C CYS A 259 40.66 15.26 34.29
N GLY A 260 40.40 14.99 35.56
CA GLY A 260 41.15 15.57 36.67
C GLY A 260 42.50 14.94 36.91
N ALA A 261 43.31 15.55 37.79
CA ALA A 261 44.65 15.09 38.15
C ALA A 261 44.66 13.76 38.92
N ASP A 262 43.55 13.43 39.59
CA ASP A 262 43.38 12.18 40.38
C ASP A 262 43.19 10.93 39.50
N GLY A 263 42.95 11.13 38.20
CA GLY A 263 42.75 10.07 37.23
C GLY A 263 41.30 9.68 37.04
N GLU A 264 40.39 10.67 37.13
CA GLU A 264 38.95 10.48 36.96
C GLU A 264 38.24 11.76 36.50
N TRP A 265 37.16 11.61 35.72
CA TRP A 265 36.34 12.71 35.21
C TRP A 265 35.57 13.42 36.33
N LEU A 266 35.24 14.70 36.14
CA LEU A 266 34.55 15.50 37.15
C LEU A 266 33.05 15.75 36.87
N VAL A 267 32.73 16.67 35.93
CA VAL A 267 31.33 17.02 35.62
C VAL A 267 30.93 16.67 34.17
N PRO A 268 29.92 15.80 33.97
CA PRO A 268 29.48 15.50 32.60
C PRO A 268 28.57 16.60 32.05
N ILE A 269 28.89 17.13 30.86
CA ILE A 269 28.11 18.18 30.21
C ILE A 269 27.80 17.78 28.77
N GLY A 270 26.50 17.71 28.46
CA GLY A 270 26.01 17.35 27.14
C GLY A 270 25.69 15.87 27.00
N ASN A 271 24.41 15.56 26.74
CA ASN A 271 23.93 14.18 26.58
C ASN A 271 23.58 13.85 25.13
N CYS A 272 23.96 12.64 24.69
CA CYS A 272 23.72 12.14 23.33
C CYS A 272 22.48 11.22 23.32
N LEU A 273 21.35 11.71 22.79
CA LEU A 273 20.08 11.00 22.70
C LEU A 273 20.11 9.91 21.63
N CYS A 274 19.47 8.76 21.90
CA CYS A 274 19.42 7.61 20.97
C CYS A 274 18.62 7.95 19.70
N ASN A 275 19.08 7.43 18.55
CA ASN A 275 18.46 7.64 17.23
C ASN A 275 17.07 7.01 17.14
N ALA A 276 16.27 7.44 16.14
CA ALA A 276 14.91 6.95 15.90
C ALA A 276 14.91 5.46 15.55
N GLY A 277 14.27 4.67 16.42
CA GLY A 277 14.19 3.22 16.29
C GLY A 277 15.20 2.50 17.14
N HIS A 278 15.70 3.18 18.20
CA HIS A 278 16.71 2.68 19.15
C HIS A 278 16.41 3.22 20.56
N GLU A 279 16.36 2.31 21.57
CA GLU A 279 16.08 2.64 22.97
C GLU A 279 17.35 2.72 23.86
N GLU A 280 17.18 3.17 25.12
CA GLU A 280 18.26 3.28 26.12
C GLU A 280 18.72 1.90 26.59
N ARG A 281 20.05 1.74 26.76
CA ARG A 281 20.68 0.49 27.20
C ARG A 281 22.02 0.78 27.89
N SER A 282 22.49 -0.18 28.72
CA SER A 282 23.74 -0.17 29.49
C SER A 282 24.97 0.23 28.66
N GLY A 283 25.02 -0.26 27.41
CA GLY A 283 26.10 0.03 26.47
C GLY A 283 25.66 0.95 25.34
N GLU A 284 25.47 0.37 24.14
CA GLU A 284 25.05 1.09 22.93
C GLU A 284 23.52 1.13 22.82
N CYS A 285 22.95 2.04 21.99
CA CYS A 285 21.50 2.17 21.78
C CYS A 285 20.95 0.91 21.09
N GLN A 286 20.20 0.10 21.85
CA GLN A 286 19.58 -1.15 21.38
C GLN A 286 18.33 -0.86 20.57
N ALA A 287 18.21 -1.49 19.38
CA ALA A 287 17.07 -1.29 18.47
C ALA A 287 15.76 -1.88 19.02
N CYS A 288 14.61 -1.30 18.59
CA CYS A 288 13.27 -1.72 19.00
C CYS A 288 12.96 -3.13 18.49
N LYS A 289 12.40 -3.98 19.38
CA LYS A 289 12.03 -5.37 19.09
C LYS A 289 10.87 -5.48 18.07
N ILE A 290 10.61 -6.71 17.57
CA ILE A 290 9.53 -6.98 16.60
C ILE A 290 8.16 -6.65 17.23
N GLY A 291 7.56 -5.56 16.75
CA GLY A 291 6.28 -5.04 17.22
C GLY A 291 6.41 -3.78 18.04
N TYR A 292 7.52 -3.05 17.85
CA TYR A 292 7.82 -1.79 18.55
C TYR A 292 8.37 -0.73 17.60
N TYR A 293 8.06 0.55 17.87
CA TYR A 293 8.48 1.68 17.03
C TYR A 293 8.94 2.91 17.82
N LYS A 294 9.69 3.81 17.16
CA LYS A 294 10.20 5.06 17.71
C LYS A 294 10.38 6.06 16.56
N ALA A 295 9.40 6.96 16.38
CA ALA A 295 9.39 7.95 15.31
C ALA A 295 10.41 9.08 15.51
N LEU A 296 10.45 9.69 16.71
CA LEU A 296 11.35 10.78 17.04
C LEU A 296 12.34 10.42 18.15
N SER A 297 13.50 11.13 18.19
CA SER A 297 14.54 10.91 19.19
C SER A 297 14.09 11.44 20.56
N THR A 298 13.55 10.53 21.39
CA THR A 298 13.04 10.82 22.73
C THR A 298 13.74 9.89 23.74
N ASP A 299 13.81 10.32 25.02
CA ASP A 299 14.43 9.54 26.10
C ASP A 299 13.62 8.28 26.44
N ALA A 300 12.29 8.31 26.21
CA ALA A 300 11.36 7.20 26.46
C ALA A 300 11.65 6.00 25.55
N THR A 301 11.39 4.78 26.07
CA THR A 301 11.61 3.51 25.37
C THR A 301 10.64 3.28 24.20
N CYS A 302 10.91 2.25 23.37
CA CYS A 302 10.12 1.87 22.20
C CYS A 302 8.70 1.47 22.58
N ALA A 303 7.70 2.13 21.97
CA ALA A 303 6.27 1.88 22.22
C ALA A 303 5.74 0.83 21.24
N LYS A 304 4.77 0.00 21.71
CA LYS A 304 4.12 -1.06 20.92
C LYS A 304 3.31 -0.47 19.76
N CYS A 305 3.17 -1.24 18.66
CA CYS A 305 2.41 -0.85 17.46
C CYS A 305 0.97 -0.41 17.80
N PRO A 306 0.45 0.68 17.19
CA PRO A 306 -0.92 1.11 17.50
C PRO A 306 -2.00 0.14 16.97
N PRO A 307 -3.26 0.18 17.45
CA PRO A 307 -4.28 -0.77 16.94
C PRO A 307 -4.47 -0.73 15.42
N HIS A 308 -4.69 -1.91 14.81
CA HIS A 308 -4.87 -2.15 13.37
C HIS A 308 -3.62 -1.78 12.54
N SER A 309 -2.43 -2.15 13.04
CA SER A 309 -1.14 -1.90 12.39
C SER A 309 -0.27 -3.16 12.35
N TYR A 310 0.30 -3.45 11.17
CA TYR A 310 1.16 -4.59 10.89
C TYR A 310 2.53 -4.46 11.57
N SER A 311 3.02 -5.56 12.16
CA SER A 311 4.31 -5.63 12.86
C SER A 311 5.48 -5.63 11.87
N VAL A 312 6.43 -4.71 12.06
CA VAL A 312 7.62 -4.56 11.22
C VAL A 312 8.84 -5.25 11.87
N TRP A 313 9.93 -5.44 11.10
CA TRP A 313 11.19 -6.05 11.54
C TRP A 313 11.91 -5.23 12.61
N GLU A 314 12.90 -5.84 13.30
CA GLU A 314 13.70 -5.24 14.38
C GLU A 314 14.37 -3.93 13.95
N GLY A 315 14.13 -2.87 14.72
CA GLY A 315 14.66 -1.54 14.48
C GLY A 315 13.85 -0.77 13.45
N ALA A 316 12.55 -0.57 13.73
CA ALA A 316 11.62 0.14 12.85
C ALA A 316 11.32 1.56 13.33
N THR A 317 11.15 2.49 12.38
CA THR A 317 10.84 3.91 12.64
C THR A 317 9.36 4.07 13.03
N SER A 318 8.46 3.44 12.25
CA SER A 318 7.01 3.48 12.48
C SER A 318 6.33 2.19 12.03
N CYS A 319 5.34 1.71 12.81
CA CYS A 319 4.59 0.48 12.51
C CYS A 319 3.69 0.69 11.30
N THR A 320 3.98 -0.03 10.20
CA THR A 320 3.23 0.03 8.94
C THR A 320 1.81 -0.49 9.09
N CYS A 321 0.86 0.06 8.33
CA CYS A 321 -0.55 -0.33 8.36
C CYS A 321 -0.83 -1.48 7.41
N ASP A 322 -1.60 -2.48 7.86
CA ASP A 322 -1.99 -3.65 7.06
C ASP A 322 -3.03 -3.29 6.00
N ARG A 323 -3.31 -4.23 5.06
CA ARG A 323 -4.27 -4.09 3.96
C ARG A 323 -5.66 -3.66 4.46
N GLY A 324 -6.20 -2.62 3.84
CA GLY A 324 -7.50 -2.05 4.18
C GLY A 324 -7.41 -0.82 5.05
N PHE A 325 -6.24 -0.60 5.68
CA PHE A 325 -5.96 0.54 6.56
C PHE A 325 -4.77 1.35 6.02
N PHE A 326 -4.88 2.69 6.04
CA PHE A 326 -3.84 3.60 5.57
C PHE A 326 -3.73 4.83 6.47
N ARG A 327 -2.48 5.30 6.72
CA ARG A 327 -2.19 6.45 7.57
C ARG A 327 -1.89 7.70 6.74
N ALA A 328 -2.42 8.87 7.17
CA ALA A 328 -2.23 10.16 6.50
C ALA A 328 -0.84 10.75 6.74
N ASP A 329 -0.37 11.56 5.77
CA ASP A 329 0.92 12.24 5.80
C ASP A 329 1.01 13.30 6.91
N ASN A 330 -0.04 14.14 7.04
CA ASN A 330 -0.12 15.19 8.04
C ASN A 330 -0.37 14.64 9.45
N ASP A 331 -1.00 13.45 9.55
CA ASP A 331 -1.32 12.77 10.80
C ASP A 331 -0.05 12.20 11.47
N ALA A 332 0.00 12.28 12.81
CA ALA A 332 1.11 11.81 13.63
C ALA A 332 1.24 10.28 13.64
N ALA A 333 2.47 9.77 13.89
CA ALA A 333 2.79 8.35 13.94
C ALA A 333 2.16 7.63 15.14
N SER A 334 1.90 8.38 16.24
CA SER A 334 1.29 7.87 17.48
C SER A 334 -0.17 7.42 17.29
N MET A 335 -0.90 8.08 16.37
CA MET A 335 -2.30 7.80 16.04
C MET A 335 -2.47 6.44 15.34
N PRO A 336 -3.53 5.66 15.67
CA PRO A 336 -3.72 4.37 14.99
C PRO A 336 -4.21 4.49 13.54
N CYS A 337 -4.07 3.39 12.75
CA CYS A 337 -4.48 3.33 11.34
C CYS A 337 -5.99 3.41 11.21
N THR A 338 -6.48 4.18 10.23
CA THR A 338 -7.91 4.39 10.01
C THR A 338 -8.45 3.81 8.69
N ARG A 339 -9.75 3.53 8.68
CA ARG A 339 -10.50 2.97 7.54
C ARG A 339 -11.06 4.08 6.63
N PRO A 340 -11.36 3.82 5.32
CA PRO A 340 -11.93 4.87 4.47
C PRO A 340 -13.38 5.22 4.88
N PRO A 341 -13.88 6.45 4.63
CA PRO A 341 -15.25 6.79 5.07
C PRO A 341 -16.36 6.21 4.18
N SER A 342 -17.60 6.25 4.69
CA SER A 342 -18.79 5.78 3.97
C SER A 342 -19.63 6.98 3.50
N ALA A 343 -20.38 6.80 2.40
CA ALA A 343 -21.23 7.84 1.85
C ALA A 343 -22.58 7.92 2.61
N PRO A 344 -23.16 9.13 2.83
CA PRO A 344 -24.44 9.19 3.57
C PRO A 344 -25.61 8.71 2.72
N LEU A 345 -26.20 7.56 3.12
CA LEU A 345 -27.32 6.87 2.45
C LEU A 345 -28.52 7.72 2.07
N ASN A 346 -28.96 8.61 2.98
CA ASN A 346 -30.13 9.48 2.75
C ASN A 346 -29.76 10.84 2.17
N LEU A 347 -30.50 11.28 1.15
CA LEU A 347 -30.32 12.56 0.49
C LEU A 347 -31.64 13.28 0.25
N ILE A 348 -31.78 14.47 0.84
CA ILE A 348 -32.98 15.31 0.75
C ILE A 348 -32.68 16.48 -0.19
N SER A 349 -33.52 16.68 -1.22
CA SER A 349 -33.33 17.75 -2.20
C SER A 349 -34.59 18.58 -2.47
N ASN A 350 -34.45 19.91 -2.37
CA ASN A 350 -35.51 20.89 -2.61
C ASN A 350 -35.08 21.81 -3.77
N VAL A 351 -35.98 22.05 -4.73
CA VAL A 351 -35.67 22.89 -5.88
C VAL A 351 -36.42 24.22 -5.94
N ASN A 352 -35.76 25.23 -6.51
CA ASN A 352 -36.26 26.58 -6.76
C ASN A 352 -36.18 26.80 -8.29
N GLU A 353 -36.68 27.94 -8.79
CA GLU A 353 -36.71 28.32 -10.22
C GLU A 353 -35.35 28.19 -10.92
N THR A 354 -34.26 28.65 -10.26
CA THR A 354 -32.90 28.59 -10.80
C THR A 354 -31.87 27.97 -9.85
N SER A 355 -32.23 27.80 -8.56
CA SER A 355 -31.34 27.23 -7.54
C SER A 355 -31.81 25.89 -6.98
N VAL A 356 -30.90 25.13 -6.34
CA VAL A 356 -31.18 23.82 -5.73
C VAL A 356 -30.50 23.68 -4.35
N ASN A 357 -31.27 23.24 -3.33
CA ASN A 357 -30.81 23.05 -1.96
C ASN A 357 -30.66 21.56 -1.64
N LEU A 358 -29.51 21.17 -1.06
CA LEU A 358 -29.22 19.78 -0.70
C LEU A 358 -28.91 19.59 0.78
N GLU A 359 -29.37 18.45 1.35
CA GLU A 359 -29.19 18.09 2.75
C GLU A 359 -29.01 16.58 2.90
N TRP A 360 -28.09 16.17 3.80
CA TRP A 360 -27.77 14.77 4.09
C TRP A 360 -27.40 14.56 5.57
N SER A 361 -27.46 13.30 6.04
CA SER A 361 -27.12 12.95 7.42
C SER A 361 -25.62 12.61 7.58
N SER A 362 -25.19 12.29 8.81
CA SER A 362 -23.82 11.92 9.15
C SER A 362 -23.46 10.54 8.55
N PRO A 363 -22.19 10.29 8.15
CA PRO A 363 -21.84 8.97 7.58
C PRO A 363 -21.98 7.81 8.57
N GLN A 364 -22.25 6.60 8.03
CA GLN A 364 -22.43 5.37 8.80
C GLN A 364 -21.11 4.93 9.44
N ASN A 365 -20.07 4.67 8.62
CA ASN A 365 -18.74 4.28 9.07
C ASN A 365 -17.79 5.47 8.97
N THR A 366 -17.40 6.01 10.14
CA THR A 366 -16.51 7.17 10.26
C THR A 366 -15.09 6.84 9.79
N GLY A 367 -14.62 5.64 10.14
CA GLY A 367 -13.28 5.16 9.81
C GLY A 367 -12.29 5.34 10.94
N GLY A 368 -12.52 6.37 11.77
CA GLY A 368 -11.69 6.69 12.92
C GLY A 368 -11.06 8.08 12.87
N ARG A 369 -11.60 8.97 12.03
CA ARG A 369 -11.09 10.34 11.89
C ARG A 369 -12.14 11.41 12.15
N GLN A 370 -11.76 12.47 12.88
CA GLN A 370 -12.62 13.59 13.23
C GLN A 370 -12.84 14.56 12.07
N ASP A 371 -11.85 14.65 11.15
CA ASP A 371 -11.89 15.53 9.98
C ASP A 371 -12.67 14.94 8.80
N ILE A 372 -13.99 15.18 8.78
CA ILE A 372 -14.89 14.69 7.73
C ILE A 372 -15.37 15.86 6.87
N SER A 373 -15.10 15.80 5.57
CA SER A 373 -15.49 16.83 4.59
C SER A 373 -16.34 16.23 3.47
N TYR A 374 -17.08 17.07 2.73
CA TYR A 374 -17.95 16.63 1.63
C TYR A 374 -17.64 17.39 0.34
N ASN A 375 -17.46 16.65 -0.76
CA ASN A 375 -17.18 17.20 -2.09
C ASN A 375 -18.37 17.00 -3.02
N VAL A 376 -18.91 18.11 -3.56
CA VAL A 376 -20.06 18.08 -4.47
C VAL A 376 -19.53 18.13 -5.91
N VAL A 377 -19.94 17.15 -6.75
CA VAL A 377 -19.52 17.04 -8.14
C VAL A 377 -20.72 17.17 -9.09
N CYS A 378 -20.64 18.13 -10.03
CA CYS A 378 -21.66 18.38 -11.05
C CYS A 378 -21.46 17.37 -12.18
N LYS A 379 -22.56 16.78 -12.71
CA LYS A 379 -22.47 15.76 -13.76
C LYS A 379 -23.24 16.07 -15.04
N LYS A 380 -24.46 16.64 -14.92
CA LYS A 380 -25.38 16.97 -16.04
C LYS A 380 -25.80 15.72 -16.84
N CYS A 381 -25.83 14.55 -16.17
CA CYS A 381 -26.19 13.25 -16.76
C CYS A 381 -27.70 12.98 -16.77
N GLY A 382 -28.45 13.83 -16.06
CA GLY A 382 -29.91 13.74 -15.97
C GLY A 382 -30.61 14.01 -17.28
N ALA A 383 -30.08 14.95 -18.08
CA ALA A 383 -30.61 15.33 -19.38
C ALA A 383 -30.30 14.24 -20.42
N GLY A 384 -31.36 13.76 -21.08
CA GLY A 384 -31.27 12.72 -22.09
C GLY A 384 -31.34 11.31 -21.53
N ASP A 385 -31.92 10.39 -22.31
CA ASP A 385 -32.09 8.97 -21.98
C ASP A 385 -30.75 8.18 -21.86
N PRO A 386 -29.74 8.33 -22.78
CA PRO A 386 -28.51 7.53 -22.62
C PRO A 386 -27.68 7.83 -21.37
N SER A 387 -26.85 6.85 -20.96
CA SER A 387 -25.99 6.91 -19.78
C SER A 387 -24.85 7.93 -19.89
N LYS A 388 -24.21 8.02 -21.06
CA LYS A 388 -23.09 8.95 -21.32
C LYS A 388 -23.56 10.40 -21.42
N CYS A 389 -22.76 11.33 -20.85
CA CYS A 389 -23.06 12.77 -20.83
C CYS A 389 -21.82 13.66 -20.85
N ARG A 390 -22.02 14.98 -20.98
CA ARG A 390 -20.98 16.01 -20.98
C ARG A 390 -20.82 16.61 -19.56
N PRO A 391 -19.58 16.90 -19.10
CA PRO A 391 -19.42 17.47 -17.75
C PRO A 391 -19.81 18.94 -17.67
N CYS A 392 -20.02 19.45 -16.42
CA CYS A 392 -20.39 20.84 -16.17
C CYS A 392 -19.19 21.77 -16.38
N GLY A 393 -18.95 22.10 -17.65
CA GLY A 393 -17.86 22.99 -18.07
C GLY A 393 -18.07 24.43 -17.67
N SER A 394 -19.35 24.85 -17.58
CA SER A 394 -19.78 26.20 -17.19
C SER A 394 -19.51 26.48 -15.71
N GLY A 395 -19.41 27.76 -15.36
CA GLY A 395 -19.14 28.22 -14.00
C GLY A 395 -20.31 28.09 -13.05
N VAL A 396 -20.44 26.92 -12.40
CA VAL A 396 -21.51 26.63 -11.44
C VAL A 396 -21.14 27.27 -10.08
N HIS A 397 -21.99 28.18 -9.58
CA HIS A 397 -21.73 28.88 -8.31
C HIS A 397 -22.51 28.33 -7.12
N TYR A 398 -21.78 27.90 -6.07
CA TYR A 398 -22.37 27.43 -4.82
C TYR A 398 -21.76 28.12 -3.61
N THR A 399 -22.51 29.10 -3.07
CA THR A 399 -22.20 29.97 -1.93
C THR A 399 -21.56 29.37 -0.65
N PRO A 400 -21.93 28.18 -0.10
CA PRO A 400 -21.29 27.73 1.15
C PRO A 400 -19.80 27.42 1.05
N GLN A 401 -19.42 26.46 0.19
CA GLN A 401 -18.04 26.03 -0.09
C GLN A 401 -17.98 25.33 -1.45
N GLN A 402 -16.83 25.42 -2.12
CA GLN A 402 -16.60 24.83 -3.44
C GLN A 402 -16.39 23.31 -3.35
N ASN A 403 -15.40 22.88 -2.54
CA ASN A 403 -15.04 21.48 -2.31
C ASN A 403 -14.49 21.34 -0.90
N GLY A 404 -14.93 20.30 -0.19
CA GLY A 404 -14.50 19.99 1.17
C GLY A 404 -15.22 20.77 2.25
N LEU A 405 -16.57 20.70 2.25
CA LEU A 405 -17.41 21.37 3.25
C LEU A 405 -17.61 20.48 4.46
N LYS A 406 -17.49 21.06 5.67
CA LYS A 406 -17.64 20.37 6.95
C LYS A 406 -19.12 20.25 7.36
N THR A 407 -19.96 21.22 6.93
CA THR A 407 -21.40 21.26 7.21
C THR A 407 -22.12 20.24 6.30
N THR A 408 -23.24 19.66 6.79
CA THR A 408 -24.03 18.67 6.06
C THR A 408 -25.11 19.29 5.14
N LYS A 409 -25.12 20.62 4.98
CA LYS A 409 -26.08 21.34 4.14
C LYS A 409 -25.38 22.24 3.13
N VAL A 410 -25.76 22.14 1.83
CA VAL A 410 -25.19 22.93 0.74
C VAL A 410 -26.28 23.50 -0.19
N SER A 411 -26.02 24.66 -0.83
CA SER A 411 -26.95 25.33 -1.73
C SER A 411 -26.27 25.75 -3.04
N ILE A 412 -26.74 25.20 -4.16
CA ILE A 412 -26.21 25.44 -5.51
C ILE A 412 -27.09 26.45 -6.25
N THR A 413 -26.48 27.52 -6.79
CA THR A 413 -27.17 28.60 -7.52
C THR A 413 -26.70 28.74 -8.98
N ASP A 414 -27.39 29.60 -9.77
CA ASP A 414 -27.13 29.91 -11.18
C ASP A 414 -27.21 28.71 -12.14
N LEU A 415 -28.12 27.76 -11.86
CA LEU A 415 -28.34 26.57 -12.69
C LEU A 415 -29.38 26.86 -13.77
N LEU A 416 -29.07 26.45 -15.03
CA LEU A 416 -29.92 26.66 -16.21
C LEU A 416 -31.26 25.95 -16.11
N ALA A 417 -32.37 26.70 -16.34
CA ALA A 417 -33.74 26.19 -16.31
C ALA A 417 -34.03 25.29 -17.52
N HIS A 418 -35.06 24.42 -17.39
CA HIS A 418 -35.53 23.45 -18.40
C HIS A 418 -34.53 22.30 -18.68
N THR A 419 -33.37 22.30 -18.00
CA THR A 419 -32.32 21.29 -18.16
C THR A 419 -32.23 20.41 -16.89
N ASN A 420 -32.12 19.09 -17.09
CA ASN A 420 -32.04 18.10 -16.02
C ASN A 420 -30.59 17.93 -15.54
N TYR A 421 -30.38 17.94 -14.21
CA TYR A 421 -29.06 17.84 -13.57
C TYR A 421 -28.96 16.71 -12.53
N THR A 422 -27.72 16.33 -12.17
CA THR A 422 -27.42 15.30 -11.16
C THR A 422 -26.11 15.63 -10.41
N PHE A 423 -26.14 15.58 -9.06
CA PHE A 423 -25.00 15.91 -8.22
C PHE A 423 -24.52 14.71 -7.40
N GLU A 424 -23.19 14.48 -7.39
CA GLU A 424 -22.55 13.39 -6.64
C GLU A 424 -21.84 13.93 -5.39
N ILE A 425 -22.50 13.79 -4.22
CA ILE A 425 -21.93 14.23 -2.94
C ILE A 425 -21.00 13.14 -2.42
N TRP A 426 -19.70 13.33 -2.67
CA TRP A 426 -18.60 12.43 -2.34
C TRP A 426 -17.92 12.81 -1.03
N ALA A 427 -18.01 11.92 -0.02
CA ALA A 427 -17.42 12.12 1.31
C ALA A 427 -15.90 11.96 1.29
N VAL A 428 -15.18 12.96 1.82
CA VAL A 428 -13.71 13.01 1.85
C VAL A 428 -13.20 13.07 3.29
N ASN A 429 -12.26 12.16 3.63
CA ASN A 429 -11.61 12.08 4.94
C ASN A 429 -10.18 12.59 4.81
N GLY A 430 -9.47 12.68 5.94
CA GLY A 430 -8.07 13.11 5.99
C GLY A 430 -7.14 12.08 5.36
N VAL A 431 -7.55 10.80 5.42
CA VAL A 431 -6.80 9.66 4.88
C VAL A 431 -7.16 9.33 3.43
N SER A 432 -8.42 9.60 3.01
CA SER A 432 -8.99 9.34 1.67
C SER A 432 -8.12 9.75 0.47
N LYS A 433 -7.20 10.72 0.64
CA LYS A 433 -6.28 11.18 -0.40
C LYS A 433 -5.21 10.10 -0.61
N TYR A 434 -4.59 9.62 0.49
CA TYR A 434 -3.57 8.56 0.51
C TYR A 434 -4.22 7.21 0.18
N ASN A 435 -5.45 7.00 0.69
CA ASN A 435 -6.27 5.80 0.47
C ASN A 435 -6.80 5.77 -0.97
N PRO A 436 -7.17 4.59 -1.55
CA PRO A 436 -7.74 4.59 -2.90
C PRO A 436 -9.14 5.21 -2.91
N ASN A 437 -9.58 5.78 -4.06
CA ASN A 437 -10.89 6.42 -4.22
C ASN A 437 -12.04 5.52 -3.75
N PRO A 438 -12.88 6.00 -2.79
CA PRO A 438 -13.99 5.16 -2.30
C PRO A 438 -14.92 4.67 -3.41
N ASP A 439 -15.20 3.35 -3.38
CA ASP A 439 -16.02 2.61 -4.33
C ASP A 439 -17.34 3.28 -4.71
N GLN A 440 -18.14 3.71 -3.71
CA GLN A 440 -19.43 4.33 -3.96
C GLN A 440 -19.69 5.64 -3.19
N SER A 441 -20.43 6.54 -3.86
CA SER A 441 -20.85 7.85 -3.36
C SER A 441 -22.34 8.02 -3.67
N VAL A 442 -23.14 8.40 -2.65
CA VAL A 442 -24.58 8.59 -2.79
C VAL A 442 -24.90 9.87 -3.58
N SER A 443 -25.63 9.70 -4.70
CA SER A 443 -26.02 10.77 -5.61
C SER A 443 -27.53 10.80 -5.86
N VAL A 444 -28.07 11.98 -6.25
CA VAL A 444 -29.49 12.20 -6.54
C VAL A 444 -29.69 13.07 -7.80
N THR A 445 -30.61 12.66 -8.69
CA THR A 445 -30.93 13.37 -9.94
C THR A 445 -32.10 14.32 -9.72
N VAL A 446 -31.92 15.60 -10.13
CA VAL A 446 -32.93 16.66 -9.96
C VAL A 446 -33.30 17.39 -11.26
N THR A 447 -34.43 18.13 -11.23
CA THR A 447 -34.95 18.92 -12.35
C THR A 447 -34.97 20.42 -11.98
N THR A 448 -34.73 21.31 -12.95
CA THR A 448 -34.67 22.75 -12.74
C THR A 448 -35.98 23.52 -12.81
N ASN A 449 -36.62 23.57 -14.00
CA ASN A 449 -37.85 24.31 -14.25
C ASN A 449 -39.10 23.74 -13.58
N GLN A 450 -39.20 22.39 -13.46
CA GLN A 450 -40.34 21.69 -12.87
C GLN A 450 -40.56 22.03 -11.39
N ALA A 451 -41.83 22.30 -11.04
CA ALA A 451 -42.27 22.69 -9.69
C ALA A 451 -42.21 21.58 -8.63
N ALA A 452 -42.60 21.92 -7.39
CA ALA A 452 -42.65 21.05 -6.21
C ALA A 452 -43.97 20.24 -6.16
N PRO A 453 -44.03 19.08 -5.47
CA PRO A 453 -45.30 18.33 -5.43
C PRO A 453 -46.39 18.99 -4.59
N SER A 454 -47.67 18.76 -4.96
CA SER A 454 -48.84 19.30 -4.27
C SER A 454 -49.19 18.48 -3.01
N SER A 455 -50.29 18.87 -2.31
CA SER A 455 -50.75 18.21 -1.08
C SER A 455 -51.80 17.13 -1.36
N ILE A 456 -51.92 16.16 -0.43
CA ILE A 456 -52.90 15.07 -0.49
C ILE A 456 -54.29 15.63 -0.19
N ALA A 457 -55.25 15.36 -1.09
CA ALA A 457 -56.64 15.83 -1.00
C ALA A 457 -57.35 15.41 0.29
N LEU A 458 -57.31 14.12 0.64
CA LEU A 458 -57.94 13.56 1.85
C LEU A 458 -57.28 12.29 2.36
N VAL A 459 -57.21 12.16 3.70
CA VAL A 459 -56.65 11.00 4.41
C VAL A 459 -57.77 10.26 5.15
N GLN A 460 -57.63 8.94 5.35
CA GLN A 460 -58.66 8.16 6.03
C GLN A 460 -58.12 7.07 6.95
N ALA A 461 -58.81 6.87 8.09
CA ALA A 461 -58.48 5.85 9.09
C ALA A 461 -59.28 4.58 8.78
N LYS A 462 -58.57 3.45 8.66
CA LYS A 462 -59.19 2.16 8.34
C LYS A 462 -59.62 1.37 9.58
N GLU A 463 -58.67 1.09 10.50
CA GLU A 463 -58.93 0.34 11.73
C GLU A 463 -58.72 1.24 12.95
N VAL A 464 -59.64 1.16 13.93
CA VAL A 464 -59.57 1.95 15.17
C VAL A 464 -59.65 1.01 16.40
N THR A 465 -58.51 0.84 17.09
CA THR A 465 -58.38 0.02 18.31
C THR A 465 -57.62 0.79 19.40
N ARG A 466 -57.63 0.28 20.64
CA ARG A 466 -56.96 0.92 21.79
C ARG A 466 -55.42 0.91 21.73
N TYR A 467 -54.83 0.07 20.86
CA TYR A 467 -53.39 -0.05 20.69
C TYR A 467 -52.86 0.45 19.34
N SER A 468 -53.63 0.25 18.25
CA SER A 468 -53.23 0.65 16.90
C SER A 468 -54.35 1.32 16.10
N VAL A 469 -53.96 2.25 15.20
CA VAL A 469 -54.85 2.99 14.29
C VAL A 469 -54.19 2.98 12.89
N ALA A 470 -54.86 2.32 11.93
CA ALA A 470 -54.39 2.21 10.55
C ALA A 470 -54.69 3.46 9.75
N LEU A 471 -53.81 3.81 8.79
CA LEU A 471 -53.97 5.00 7.95
C LEU A 471 -53.86 4.70 6.46
N ALA A 472 -54.77 5.30 5.67
CA ALA A 472 -54.82 5.15 4.21
C ALA A 472 -54.93 6.53 3.55
N TRP A 473 -54.17 6.73 2.45
CA TRP A 473 -54.15 8.00 1.71
C TRP A 473 -53.81 7.80 0.23
N LEU A 474 -54.28 8.72 -0.63
CA LEU A 474 -54.01 8.71 -2.07
C LEU A 474 -52.86 9.67 -2.40
N GLU A 475 -52.26 9.52 -3.59
CA GLU A 475 -51.17 10.40 -4.05
C GLU A 475 -51.72 11.80 -4.37
N PRO A 476 -50.93 12.90 -4.23
CA PRO A 476 -51.48 14.24 -4.51
C PRO A 476 -51.96 14.46 -5.95
N ASP A 477 -52.89 15.42 -6.12
CA ASP A 477 -53.50 15.81 -7.41
C ASP A 477 -52.48 16.16 -8.49
N ARG A 478 -51.42 16.90 -8.11
CA ARG A 478 -50.34 17.31 -9.02
C ARG A 478 -49.01 16.74 -8.50
N PRO A 479 -48.39 15.76 -9.19
CA PRO A 479 -47.14 15.19 -8.68
C PRO A 479 -45.89 16.03 -8.94
N ASN A 480 -45.76 16.63 -10.16
CA ASN A 480 -44.63 17.46 -10.60
C ASN A 480 -43.26 16.74 -10.53
N GLY A 481 -43.31 15.40 -10.46
CA GLY A 481 -42.16 14.52 -10.36
C GLY A 481 -42.52 13.15 -9.82
N VAL A 482 -41.56 12.22 -9.83
CA VAL A 482 -41.76 10.84 -9.34
C VAL A 482 -41.77 10.85 -7.81
N ILE A 483 -42.84 10.29 -7.19
CA ILE A 483 -43.00 10.22 -5.74
C ILE A 483 -42.06 9.17 -5.16
N LEU A 484 -41.26 9.56 -4.15
CA LEU A 484 -40.27 8.68 -3.53
C LEU A 484 -40.57 8.34 -2.06
N GLU A 485 -41.18 9.28 -1.30
CA GLU A 485 -41.46 9.09 0.13
C GLU A 485 -42.70 9.85 0.61
N TYR A 486 -43.30 9.37 1.71
CA TYR A 486 -44.45 9.99 2.38
C TYR A 486 -44.11 10.10 3.88
N GLU A 487 -44.09 11.33 4.42
CA GLU A 487 -43.79 11.59 5.82
C GLU A 487 -45.07 11.86 6.60
N VAL A 488 -45.27 11.15 7.73
CA VAL A 488 -46.45 11.30 8.59
C VAL A 488 -46.07 11.88 9.96
N LYS A 489 -46.81 12.92 10.40
CA LYS A 489 -46.60 13.60 11.68
C LYS A 489 -47.74 13.33 12.67
N TYR A 490 -47.40 13.11 13.95
CA TYR A 490 -48.37 12.87 15.03
C TYR A 490 -48.19 13.86 16.17
N TYR A 491 -49.29 14.46 16.65
CA TYR A 491 -49.27 15.37 17.79
C TYR A 491 -50.52 15.26 18.67
N GLU A 492 -50.29 15.09 19.99
CA GLU A 492 -51.35 14.93 20.99
C GLU A 492 -52.11 16.22 21.27
N LYS A 493 -53.44 16.11 21.44
CA LYS A 493 -54.32 17.23 21.75
C LYS A 493 -54.65 17.23 23.25
N ASP A 494 -55.23 18.35 23.77
CA ASP A 494 -55.62 18.57 25.18
C ASP A 494 -54.45 18.70 26.16
N GLN A 495 -53.21 18.54 25.67
CA GLN A 495 -51.97 18.63 26.46
C GLN A 495 -50.94 19.52 25.74
N ASN A 496 -49.82 19.83 26.42
CA ASN A 496 -48.72 20.65 25.88
C ASN A 496 -48.07 19.96 24.68
N GLU A 497 -47.70 20.74 23.65
CA GLU A 497 -47.11 20.25 22.40
C GLU A 497 -45.86 19.39 22.55
N ARG A 498 -46.04 18.08 22.33
CA ARG A 498 -45.00 17.05 22.38
C ARG A 498 -44.27 17.02 21.03
N SER A 499 -43.01 16.54 21.02
CA SER A 499 -42.18 16.43 19.82
C SER A 499 -42.85 15.53 18.77
N TYR A 500 -42.99 16.06 17.54
CA TYR A 500 -43.64 15.39 16.42
C TYR A 500 -43.03 14.03 16.06
N ARG A 501 -43.88 12.99 16.00
CA ARG A 501 -43.49 11.61 15.67
C ARG A 501 -43.29 11.51 14.16
N ILE A 502 -42.10 11.04 13.73
CA ILE A 502 -41.75 10.91 12.32
C ILE A 502 -41.73 9.44 11.89
N VAL A 503 -42.56 9.11 10.87
CA VAL A 503 -42.67 7.77 10.28
C VAL A 503 -42.64 7.86 8.76
N ARG A 504 -41.54 7.38 8.15
CA ARG A 504 -41.34 7.41 6.71
C ARG A 504 -41.72 6.09 6.06
N THR A 505 -42.70 6.15 5.13
CA THR A 505 -43.22 5.00 4.41
C THR A 505 -43.45 5.37 2.94
N ALA A 506 -42.86 4.60 2.01
CA ALA A 506 -43.01 4.82 0.58
C ALA A 506 -44.37 4.31 0.10
N ALA A 507 -44.92 3.30 0.80
CA ALA A 507 -46.23 2.70 0.52
C ALA A 507 -47.34 3.67 0.97
N ARG A 508 -48.52 3.57 0.34
CA ARG A 508 -49.67 4.44 0.64
C ARG A 508 -50.46 4.05 1.92
N ASN A 509 -49.91 3.11 2.72
CA ASN A 509 -50.54 2.64 3.96
C ASN A 509 -49.53 2.44 5.10
N THR A 510 -49.89 2.88 6.32
CA THR A 510 -49.09 2.74 7.53
C THR A 510 -49.95 2.54 8.79
N ASP A 511 -49.39 1.88 9.82
CA ASP A 511 -50.06 1.61 11.08
C ASP A 511 -49.30 2.20 12.27
N ILE A 512 -50.03 2.85 13.20
CA ILE A 512 -49.43 3.45 14.41
C ILE A 512 -49.18 2.35 15.46
N LYS A 513 -48.16 2.54 16.31
CA LYS A 513 -47.82 1.56 17.35
C LYS A 513 -47.49 2.19 18.71
N GLY A 514 -47.88 1.49 19.77
CA GLY A 514 -47.64 1.89 21.16
C GLY A 514 -48.28 3.19 21.58
N LEU A 515 -49.62 3.23 21.64
CA LEU A 515 -50.37 4.41 22.04
C LEU A 515 -51.35 4.12 23.17
N ASN A 516 -51.41 5.04 24.15
CA ASN A 516 -52.27 4.95 25.33
C ASN A 516 -53.75 5.13 24.95
N PRO A 517 -54.70 4.43 25.63
CA PRO A 517 -56.13 4.59 25.26
C PRO A 517 -56.71 5.95 25.62
N LEU A 518 -57.86 6.31 25.00
CA LEU A 518 -58.60 7.57 25.16
C LEU A 518 -57.84 8.85 24.77
N THR A 519 -56.73 8.71 23.99
CA THR A 519 -55.92 9.83 23.54
C THR A 519 -56.23 10.21 22.09
N SER A 520 -56.85 11.39 21.89
CA SER A 520 -57.20 11.90 20.57
C SER A 520 -55.93 12.36 19.83
N TYR A 521 -55.79 11.96 18.56
CA TYR A 521 -54.62 12.31 17.77
C TYR A 521 -54.91 12.89 16.39
N VAL A 522 -54.10 13.89 16.00
CA VAL A 522 -54.18 14.58 14.71
C VAL A 522 -53.06 14.02 13.83
N PHE A 523 -53.44 13.48 12.66
CA PHE A 523 -52.50 12.87 11.71
C PHE A 523 -52.32 13.75 10.47
N HIS A 524 -51.06 14.04 10.12
CA HIS A 524 -50.70 14.86 8.96
C HIS A 524 -49.70 14.16 8.06
N VAL A 525 -50.09 13.92 6.80
CA VAL A 525 -49.26 13.26 5.78
C VAL A 525 -48.62 14.32 4.86
N ARG A 526 -47.42 14.05 4.34
CA ARG A 526 -46.70 14.96 3.45
C ARG A 526 -45.93 14.17 2.39
N ALA A 527 -46.24 14.44 1.10
CA ALA A 527 -45.60 13.79 -0.04
C ALA A 527 -44.23 14.41 -0.30
N ARG A 528 -43.18 13.55 -0.38
CA ARG A 528 -41.81 13.99 -0.59
C ARG A 528 -41.20 13.40 -1.87
N THR A 529 -40.65 14.28 -2.73
CA THR A 529 -39.99 13.91 -3.99
C THR A 529 -38.58 14.51 -4.03
N ALA A 530 -37.77 14.12 -5.03
CA ALA A 530 -36.42 14.66 -5.23
C ALA A 530 -36.52 16.09 -5.77
N ALA A 531 -37.64 16.40 -6.44
CA ALA A 531 -37.95 17.71 -7.01
C ALA A 531 -38.33 18.77 -5.97
N GLY A 532 -38.86 18.36 -4.81
CA GLY A 532 -39.23 19.33 -3.79
C GLY A 532 -39.87 18.84 -2.51
N TYR A 533 -40.39 19.82 -1.74
CA TYR A 533 -41.04 19.69 -0.43
C TYR A 533 -42.55 19.83 -0.59
N GLY A 534 -43.31 18.90 -0.02
CA GLY A 534 -44.76 18.89 -0.09
C GLY A 534 -45.45 19.67 1.02
N ASP A 535 -46.79 19.76 0.95
CA ASP A 535 -47.61 20.47 1.94
C ASP A 535 -48.37 19.51 2.86
N PHE A 536 -48.84 20.02 4.02
CA PHE A 536 -49.60 19.27 5.02
C PHE A 536 -50.95 18.78 4.50
N SER A 537 -51.35 17.56 4.91
CA SER A 537 -52.62 16.95 4.50
C SER A 537 -53.81 17.39 5.36
N GLU A 538 -54.96 16.70 5.18
CA GLU A 538 -56.21 16.93 5.89
C GLU A 538 -56.04 16.61 7.39
N PRO A 539 -56.33 17.56 8.31
CA PRO A 539 -56.18 17.25 9.75
C PRO A 539 -57.27 16.31 10.24
N LEU A 540 -56.91 15.02 10.42
CA LEU A 540 -57.83 13.98 10.87
C LEU A 540 -57.74 13.76 12.38
N GLU A 541 -58.78 14.20 13.10
CA GLU A 541 -58.89 14.09 14.56
C GLU A 541 -59.61 12.80 14.94
N VAL A 542 -58.83 11.75 15.29
CA VAL A 542 -59.36 10.43 15.65
C VAL A 542 -59.04 10.10 17.12
N THR A 543 -60.09 9.84 17.91
CA THR A 543 -60.00 9.46 19.33
C THR A 543 -59.78 7.94 19.42
N THR A 544 -58.88 7.52 20.31
CA THR A 544 -58.54 6.11 20.54
C THR A 544 -59.73 5.35 21.15
N ASN A 545 -60.06 4.17 20.58
CA ASN A 545 -61.17 3.31 20.98
C ASN A 545 -61.02 2.80 22.42
N THR A 546 -62.15 2.58 23.12
CA THR A 546 -62.18 2.11 24.51
C THR A 546 -63.12 0.91 24.67
N VAL A 547 -62.79 -0.03 25.57
CA VAL A 547 -63.56 -1.23 25.89
C VAL A 547 -64.88 -0.82 26.59
N PRO A 548 -66.06 -1.31 26.13
CA PRO A 548 -67.33 -0.90 26.74
C PRO A 548 -67.47 -1.16 28.24
N SER A 549 -68.21 -0.27 28.94
CA SER A 549 -68.43 -0.34 30.39
C SER A 549 -69.90 -0.15 30.79
N ARG A 550 -70.68 0.63 30.00
CA ARG A 550 -72.09 0.92 30.26
C ARG A 550 -72.98 -0.32 30.12
N ILE A 551 -73.81 -0.58 31.14
CA ILE A 551 -74.72 -1.73 31.21
C ILE A 551 -76.18 -1.26 31.16
N ILE A 552 -77.01 -1.89 30.31
CA ILE A 552 -78.43 -1.58 30.15
C ILE A 552 -79.26 -2.64 30.89
N PRO B 39 -24.28 -21.86 -31.85
CA PRO B 39 -23.37 -21.75 -33.00
C PRO B 39 -23.78 -20.68 -33.99
N ALA B 40 -22.79 -20.10 -34.72
CA ALA B 40 -22.98 -19.05 -35.73
C ALA B 40 -21.84 -19.08 -36.76
N ASN B 41 -21.96 -18.27 -37.84
CA ASN B 41 -20.95 -18.18 -38.90
C ASN B 41 -19.89 -17.10 -38.59
N GLU B 42 -19.83 -16.63 -37.33
CA GLU B 42 -18.90 -15.61 -36.83
C GLU B 42 -18.06 -16.21 -35.69
N VAL B 43 -16.71 -16.07 -35.78
CA VAL B 43 -15.73 -16.66 -34.85
C VAL B 43 -15.87 -16.16 -33.41
N THR B 44 -16.06 -17.10 -32.47
CA THR B 44 -16.22 -16.84 -31.03
C THR B 44 -14.86 -16.84 -30.32
N LEU B 45 -14.74 -16.01 -29.27
CA LEU B 45 -13.53 -15.85 -28.46
C LEU B 45 -13.73 -16.44 -27.06
N LEU B 46 -14.93 -16.21 -26.45
CA LEU B 46 -15.33 -16.71 -25.14
C LEU B 46 -16.74 -17.30 -25.19
N ASP B 47 -16.94 -18.46 -24.54
CA ASP B 47 -18.23 -19.15 -24.47
C ASP B 47 -18.32 -20.00 -23.21
N SER B 48 -19.42 -19.83 -22.44
CA SER B 48 -19.68 -20.56 -21.20
C SER B 48 -20.04 -22.03 -21.45
N ARG B 49 -20.57 -22.36 -22.65
CA ARG B 49 -20.96 -23.71 -23.06
C ARG B 49 -19.72 -24.60 -23.22
N SER B 50 -18.73 -24.14 -24.02
CA SER B 50 -17.48 -24.84 -24.34
C SER B 50 -16.56 -25.06 -23.15
N VAL B 51 -16.35 -24.03 -22.31
CA VAL B 51 -15.48 -24.11 -21.13
C VAL B 51 -16.13 -24.96 -20.04
N GLN B 52 -15.55 -26.15 -19.77
CA GLN B 52 -16.02 -27.09 -18.77
C GLN B 52 -15.15 -27.04 -17.52
N GLY B 53 -15.79 -26.82 -16.37
CA GLY B 53 -15.13 -26.72 -15.07
C GLY B 53 -15.03 -25.29 -14.60
N GLU B 54 -13.79 -24.85 -14.30
CA GLU B 54 -13.51 -23.48 -13.83
C GLU B 54 -13.03 -22.58 -14.97
N LEU B 55 -13.65 -21.40 -15.12
CA LEU B 55 -13.34 -20.41 -16.16
C LEU B 55 -12.02 -19.69 -15.89
N GLY B 56 -11.84 -19.23 -14.65
CA GLY B 56 -10.65 -18.52 -14.20
C GLY B 56 -10.84 -17.01 -14.14
N TRP B 57 -12.03 -16.58 -13.66
CA TRP B 57 -12.41 -15.17 -13.54
C TRP B 57 -12.11 -14.66 -12.14
N ILE B 58 -11.41 -13.51 -12.05
CA ILE B 58 -11.04 -12.88 -10.79
C ILE B 58 -12.20 -12.00 -10.28
N ALA B 59 -12.61 -12.23 -9.02
CA ALA B 59 -13.70 -11.48 -8.38
C ALA B 59 -13.19 -10.72 -7.16
N SER B 60 -13.38 -9.38 -7.16
CA SER B 60 -12.93 -8.48 -6.10
C SER B 60 -13.57 -8.79 -4.73
N PRO B 61 -14.90 -8.68 -4.51
CA PRO B 61 -15.45 -9.04 -3.20
C PRO B 61 -15.66 -10.56 -3.12
N LEU B 62 -14.71 -11.25 -2.48
CA LEU B 62 -14.73 -12.71 -2.30
C LEU B 62 -15.97 -13.15 -1.49
N GLU B 63 -16.22 -12.51 -0.35
CA GLU B 63 -17.36 -12.79 0.51
C GLU B 63 -18.43 -11.69 0.34
N GLY B 64 -19.64 -12.13 0.00
CA GLY B 64 -20.78 -11.25 -0.22
C GLY B 64 -20.91 -10.70 -1.63
N GLY B 65 -20.05 -11.20 -2.53
CA GLY B 65 -20.02 -10.79 -3.93
C GLY B 65 -20.40 -11.89 -4.89
N TRP B 66 -19.78 -11.90 -6.07
CA TRP B 66 -20.01 -12.88 -7.14
C TRP B 66 -19.56 -14.28 -6.73
N GLU B 67 -20.38 -15.31 -7.02
CA GLU B 67 -20.10 -16.70 -6.67
C GLU B 67 -20.33 -17.66 -7.84
N GLU B 68 -19.34 -18.53 -8.12
CA GLU B 68 -19.39 -19.53 -9.18
C GLU B 68 -20.18 -20.75 -8.70
N VAL B 69 -21.43 -20.88 -9.20
CA VAL B 69 -22.34 -22.00 -8.83
C VAL B 69 -22.76 -22.75 -10.10
N SER B 70 -22.57 -24.08 -10.10
CA SER B 70 -22.93 -24.95 -11.22
C SER B 70 -24.44 -25.18 -11.26
N ILE B 71 -25.08 -24.82 -12.39
CA ILE B 71 -26.53 -24.94 -12.60
C ILE B 71 -26.82 -25.66 -13.93
N MET B 72 -27.74 -26.65 -13.89
CA MET B 72 -28.17 -27.43 -15.05
C MET B 72 -28.92 -26.54 -16.04
N ASP B 73 -28.48 -26.52 -17.31
CA ASP B 73 -29.07 -25.70 -18.37
C ASP B 73 -30.35 -26.33 -18.97
N GLU B 74 -30.91 -25.69 -20.01
CA GLU B 74 -32.11 -26.14 -20.73
C GLU B 74 -31.86 -27.44 -21.51
N LYS B 75 -30.58 -27.73 -21.83
CA LYS B 75 -30.14 -28.91 -22.56
C LYS B 75 -29.69 -30.07 -21.65
N ASN B 76 -30.05 -29.99 -20.34
CA ASN B 76 -29.75 -30.96 -19.28
C ASN B 76 -28.24 -31.20 -19.06
N THR B 77 -27.46 -30.10 -18.98
CA THR B 77 -26.01 -30.13 -18.77
C THR B 77 -25.61 -29.07 -17.72
N PRO B 78 -24.90 -29.45 -16.63
CA PRO B 78 -24.52 -28.44 -15.62
C PRO B 78 -23.40 -27.52 -16.08
N ILE B 79 -23.69 -26.20 -16.10
CA ILE B 79 -22.75 -25.15 -16.50
C ILE B 79 -22.62 -24.09 -15.40
N ARG B 80 -21.38 -23.77 -15.01
CA ARG B 80 -21.06 -22.82 -13.95
C ARG B 80 -21.35 -21.36 -14.32
N THR B 81 -22.17 -20.69 -13.48
CA THR B 81 -22.60 -19.29 -13.66
C THR B 81 -22.26 -18.45 -12.42
N TYR B 82 -22.06 -17.13 -12.62
CA TYR B 82 -21.76 -16.19 -11.54
C TYR B 82 -23.01 -15.43 -11.09
N GLN B 83 -23.29 -15.49 -9.77
CA GLN B 83 -24.47 -14.88 -9.16
C GLN B 83 -24.10 -13.91 -8.02
N VAL B 84 -24.87 -12.82 -7.89
CA VAL B 84 -24.71 -11.81 -6.83
C VAL B 84 -26.07 -11.23 -6.44
N CYS B 85 -26.40 -11.26 -5.13
CA CYS B 85 -27.66 -10.74 -4.61
C CYS B 85 -27.51 -10.15 -3.21
N ASN B 86 -27.19 -8.84 -3.15
CA ASN B 86 -27.06 -8.12 -1.89
C ASN B 86 -28.40 -7.45 -1.57
N VAL B 87 -29.37 -8.28 -1.18
CA VAL B 87 -30.75 -7.93 -0.87
C VAL B 87 -30.91 -7.37 0.58
N MET B 88 -29.79 -7.27 1.33
CA MET B 88 -29.79 -6.78 2.72
C MET B 88 -28.67 -5.77 3.01
N GLU B 89 -27.59 -5.79 2.22
CA GLU B 89 -26.44 -4.90 2.40
C GLU B 89 -26.58 -3.60 1.60
N PRO B 90 -26.48 -2.41 2.25
CA PRO B 90 -26.63 -1.15 1.50
C PRO B 90 -25.34 -0.63 0.87
N SER B 91 -25.49 0.16 -0.23
CA SER B 91 -24.41 0.78 -1.01
C SER B 91 -23.30 -0.20 -1.43
N GLN B 92 -23.71 -1.36 -1.97
CA GLN B 92 -22.80 -2.43 -2.40
C GLN B 92 -22.22 -2.19 -3.78
N ASN B 93 -20.90 -2.44 -3.91
CA ASN B 93 -20.14 -2.34 -5.15
C ASN B 93 -19.41 -3.65 -5.36
N ASN B 94 -19.77 -4.40 -6.41
CA ASN B 94 -19.20 -5.72 -6.71
C ASN B 94 -18.63 -5.81 -8.12
N TRP B 95 -17.39 -6.31 -8.25
CA TRP B 95 -16.68 -6.44 -9.53
C TRP B 95 -16.35 -7.89 -9.89
N LEU B 96 -16.35 -8.19 -11.21
CA LEU B 96 -16.07 -9.52 -11.77
C LEU B 96 -15.34 -9.38 -13.11
N ARG B 97 -14.01 -9.55 -13.08
CA ARG B 97 -13.12 -9.44 -14.26
C ARG B 97 -12.94 -10.80 -14.94
N THR B 98 -13.01 -10.81 -16.29
CA THR B 98 -12.84 -12.01 -17.12
C THR B 98 -11.36 -12.31 -17.35
N ASP B 99 -11.04 -13.55 -17.79
CA ASP B 99 -9.67 -13.99 -18.10
C ASP B 99 -9.18 -13.31 -19.40
N TRP B 100 -7.86 -13.34 -19.68
CA TRP B 100 -7.28 -12.69 -20.86
C TRP B 100 -7.86 -13.21 -22.18
N ILE B 101 -8.47 -12.29 -22.95
CA ILE B 101 -9.11 -12.58 -24.25
C ILE B 101 -8.19 -12.15 -25.38
N THR B 102 -7.93 -13.05 -26.34
CA THR B 102 -7.09 -12.77 -27.50
C THR B 102 -7.83 -11.89 -28.51
N ARG B 103 -7.12 -10.94 -29.13
CA ARG B 103 -7.69 -10.01 -30.11
C ARG B 103 -7.96 -10.70 -31.45
N GLU B 104 -7.02 -11.56 -31.92
CA GLU B 104 -7.06 -12.32 -33.17
C GLU B 104 -7.15 -11.43 -34.44
N GLY B 105 -6.65 -10.19 -34.33
CA GLY B 105 -6.66 -9.21 -35.40
C GLY B 105 -7.99 -8.52 -35.62
N ALA B 106 -8.97 -8.75 -34.72
CA ALA B 106 -10.30 -8.16 -34.79
C ALA B 106 -10.32 -6.72 -34.27
N GLN B 107 -11.20 -5.89 -34.86
CA GLN B 107 -11.35 -4.48 -34.49
C GLN B 107 -12.69 -4.19 -33.78
N ARG B 108 -13.77 -4.84 -34.23
CA ARG B 108 -15.12 -4.70 -33.68
C ARG B 108 -15.56 -5.98 -32.96
N VAL B 109 -15.72 -5.91 -31.63
CA VAL B 109 -16.11 -7.03 -30.76
C VAL B 109 -17.53 -6.85 -30.23
N TYR B 110 -18.36 -7.89 -30.39
CA TYR B 110 -19.76 -7.94 -29.94
C TYR B 110 -19.87 -8.83 -28.70
N ILE B 111 -20.44 -8.30 -27.61
CA ILE B 111 -20.61 -9.01 -26.34
C ILE B 111 -22.08 -9.31 -26.08
N GLU B 112 -22.44 -10.61 -26.12
CA GLU B 112 -23.80 -11.11 -25.89
C GLU B 112 -23.90 -11.66 -24.47
N ILE B 113 -24.78 -11.07 -23.64
CA ILE B 113 -24.96 -11.47 -22.24
C ILE B 113 -26.41 -11.91 -21.98
N LYS B 114 -26.58 -13.17 -21.52
CA LYS B 114 -27.86 -13.76 -21.15
C LYS B 114 -27.91 -13.79 -19.62
N PHE B 115 -28.84 -13.01 -19.04
CA PHE B 115 -28.95 -12.88 -17.58
C PHE B 115 -30.38 -12.92 -17.06
N THR B 116 -30.53 -13.22 -15.75
CA THR B 116 -31.83 -13.27 -15.08
C THR B 116 -31.85 -12.30 -13.90
N LEU B 117 -32.78 -11.33 -13.95
CA LEU B 117 -32.94 -10.30 -12.93
C LEU B 117 -34.34 -10.32 -12.32
N ARG B 118 -34.42 -10.22 -10.99
CA ARG B 118 -35.68 -10.16 -10.25
C ARG B 118 -35.97 -8.69 -9.95
N ASP B 119 -37.21 -8.24 -10.24
CA ASP B 119 -37.64 -6.86 -10.04
C ASP B 119 -37.65 -6.42 -8.58
N CYS B 120 -37.37 -5.12 -8.33
CA CYS B 120 -37.35 -4.49 -7.00
C CYS B 120 -38.71 -4.48 -6.30
N ASN B 121 -39.80 -4.68 -7.08
CA ASN B 121 -41.18 -4.71 -6.59
C ASN B 121 -41.46 -6.00 -5.78
N SER B 122 -40.60 -7.03 -5.94
CA SER B 122 -40.73 -8.32 -5.24
C SER B 122 -39.62 -8.61 -4.21
N LEU B 123 -38.41 -8.04 -4.39
CA LEU B 123 -37.27 -8.26 -3.50
C LEU B 123 -37.45 -7.63 -2.10
N PRO B 124 -37.24 -8.39 -1.00
CA PRO B 124 -37.47 -7.83 0.34
C PRO B 124 -36.25 -7.23 1.06
N GLY B 125 -36.52 -6.23 1.89
CA GLY B 125 -35.53 -5.53 2.71
C GLY B 125 -34.37 -4.89 1.97
N VAL B 126 -34.65 -4.32 0.79
CA VAL B 126 -33.65 -3.68 -0.07
C VAL B 126 -34.17 -2.34 -0.66
N MET B 127 -35.45 -1.99 -0.34
CA MET B 127 -36.14 -0.77 -0.78
C MET B 127 -35.28 0.48 -0.72
N GLY B 128 -35.27 1.23 -1.82
CA GLY B 128 -34.47 2.45 -1.98
C GLY B 128 -33.10 2.12 -2.55
N THR B 129 -32.39 1.20 -1.87
CA THR B 129 -31.06 0.72 -2.26
C THR B 129 -31.12 -0.30 -3.40
N CYS B 130 -32.33 -0.80 -3.74
CA CYS B 130 -32.50 -1.78 -4.81
C CYS B 130 -32.25 -1.20 -6.19
N LYS B 131 -31.63 -2.00 -7.06
CA LYS B 131 -31.31 -1.61 -8.44
C LYS B 131 -31.79 -2.66 -9.44
N GLU B 132 -32.01 -2.24 -10.70
CA GLU B 132 -32.45 -3.10 -11.80
C GLU B 132 -31.52 -2.93 -13.02
N THR B 133 -30.27 -2.48 -12.76
CA THR B 133 -29.24 -2.21 -13.76
C THR B 133 -27.85 -2.67 -13.31
N PHE B 134 -26.98 -3.00 -14.28
CA PHE B 134 -25.60 -3.42 -14.06
C PHE B 134 -24.70 -2.88 -15.18
N ASN B 135 -23.56 -2.28 -14.80
CA ASN B 135 -22.61 -1.66 -15.72
C ASN B 135 -21.66 -2.67 -16.39
N LEU B 136 -21.19 -2.34 -17.60
CA LEU B 136 -20.27 -3.16 -18.38
C LEU B 136 -18.97 -2.39 -18.64
N TYR B 137 -17.83 -2.96 -18.23
CA TYR B 137 -16.51 -2.35 -18.34
C TYR B 137 -15.54 -3.11 -19.24
N TYR B 138 -14.59 -2.39 -19.85
CA TYR B 138 -13.55 -2.96 -20.72
C TYR B 138 -12.20 -2.24 -20.56
N TYR B 139 -11.09 -3.01 -20.66
CA TYR B 139 -9.72 -2.51 -20.53
C TYR B 139 -8.83 -3.11 -21.62
N GLU B 140 -7.92 -2.29 -22.17
CA GLU B 140 -6.99 -2.72 -23.23
C GLU B 140 -5.56 -2.86 -22.68
N SER B 141 -5.03 -4.09 -22.69
CA SER B 141 -3.69 -4.40 -22.19
C SER B 141 -3.02 -5.52 -22.98
N ASP B 142 -1.70 -5.39 -23.23
CA ASP B 142 -0.90 -6.35 -23.97
C ASP B 142 -0.42 -7.51 -23.08
N ASN B 143 -0.12 -7.22 -21.80
CA ASN B 143 0.35 -8.21 -20.82
C ASN B 143 -0.79 -9.16 -20.42
N ASP B 144 -0.49 -10.48 -20.41
CA ASP B 144 -1.45 -11.53 -20.07
C ASP B 144 -1.57 -11.83 -18.57
N LYS B 145 -0.43 -11.84 -17.85
CA LYS B 145 -0.41 -12.12 -16.41
C LYS B 145 -0.41 -10.86 -15.54
N GLU B 146 -1.61 -10.43 -15.12
CA GLU B 146 -1.83 -9.27 -14.25
C GLU B 146 -2.61 -9.71 -13.02
N ARG B 147 -2.20 -9.24 -11.82
CA ARG B 147 -2.81 -9.58 -10.54
C ARG B 147 -4.29 -9.19 -10.43
N PHE B 148 -4.59 -7.87 -10.37
CA PHE B 148 -5.96 -7.32 -10.29
C PHE B 148 -6.02 -5.88 -10.76
N ILE B 149 -7.08 -5.53 -11.51
CA ILE B 149 -7.29 -4.18 -12.06
C ILE B 149 -8.48 -3.51 -11.33
N ARG B 150 -8.32 -2.22 -11.00
CA ARG B 150 -9.31 -1.42 -10.28
C ARG B 150 -10.31 -0.64 -11.16
N GLU B 151 -11.28 0.04 -10.52
CA GLU B 151 -12.38 0.82 -11.09
C GLU B 151 -11.98 1.91 -12.12
N ASN B 152 -11.18 2.92 -11.71
CA ASN B 152 -10.76 4.05 -12.54
C ASN B 152 -9.97 3.68 -13.80
N GLN B 153 -9.28 2.52 -13.80
CA GLN B 153 -8.51 2.05 -14.95
C GLN B 153 -9.45 1.55 -16.06
N PHE B 154 -10.53 0.82 -15.68
CA PHE B 154 -11.55 0.29 -16.58
C PHE B 154 -12.43 1.39 -17.18
N VAL B 155 -12.85 1.19 -18.45
CA VAL B 155 -13.70 2.13 -19.19
C VAL B 155 -15.08 1.50 -19.41
N LYS B 156 -16.15 2.22 -19.02
CA LYS B 156 -17.54 1.77 -19.14
C LYS B 156 -18.02 1.80 -20.59
N ILE B 157 -18.81 0.79 -20.98
CA ILE B 157 -19.39 0.67 -22.32
C ILE B 157 -20.81 1.27 -22.31
N ASP B 158 -21.75 0.62 -21.59
CA ASP B 158 -23.15 1.03 -21.46
C ASP B 158 -23.82 0.33 -20.28
N THR B 159 -24.81 1.00 -19.65
CA THR B 159 -25.57 0.46 -18.53
C THR B 159 -26.61 -0.52 -19.09
N ILE B 160 -26.55 -1.79 -18.67
CA ILE B 160 -27.45 -2.85 -19.14
C ILE B 160 -28.66 -3.01 -18.22
N ALA B 161 -29.86 -3.03 -18.83
CA ALA B 161 -31.15 -3.18 -18.14
C ALA B 161 -32.01 -4.29 -18.77
N ALA B 162 -33.14 -4.64 -18.12
CA ALA B 162 -34.07 -5.66 -18.59
C ALA B 162 -34.83 -5.18 -19.83
N ASP B 163 -34.82 -5.98 -20.90
CA ASP B 163 -35.44 -5.65 -22.18
C ASP B 163 -36.62 -6.56 -22.54
N GLU B 164 -37.34 -6.20 -23.62
CA GLU B 164 -38.50 -6.90 -24.17
C GLU B 164 -38.15 -8.35 -24.61
N SER B 165 -36.90 -8.57 -25.09
CA SER B 165 -36.43 -9.88 -25.55
C SER B 165 -36.14 -10.85 -24.39
N PHE B 166 -37.05 -11.81 -24.18
CA PHE B 166 -36.97 -12.87 -23.16
C PHE B 166 -37.76 -14.12 -23.61
N THR B 167 -37.31 -15.31 -23.17
CA THR B 167 -37.95 -16.58 -23.53
C THR B 167 -38.20 -17.51 -22.33
N GLN B 168 -38.98 -18.60 -22.57
CA GLN B 168 -39.31 -19.61 -21.57
C GLN B 168 -38.08 -20.47 -21.25
N VAL B 169 -37.68 -20.51 -19.97
CA VAL B 169 -36.52 -21.25 -19.49
C VAL B 169 -36.95 -22.42 -18.59
N ASP B 170 -36.67 -23.65 -19.04
CA ASP B 170 -37.02 -24.88 -18.32
C ASP B 170 -35.88 -25.32 -17.38
N ILE B 171 -36.00 -24.95 -16.10
CA ILE B 171 -35.03 -25.27 -15.04
C ILE B 171 -35.70 -25.88 -13.80
N GLY B 172 -34.93 -26.08 -12.72
CA GLY B 172 -35.39 -26.64 -11.47
C GLY B 172 -36.50 -25.84 -10.80
N ASP B 173 -36.30 -24.52 -10.69
CA ASP B 173 -37.25 -23.59 -10.09
C ASP B 173 -38.19 -22.98 -11.16
N ARG B 174 -38.86 -21.84 -10.85
CA ARG B 174 -39.80 -21.13 -11.74
C ARG B 174 -39.14 -20.65 -13.04
N ILE B 175 -39.96 -20.51 -14.10
CA ILE B 175 -39.54 -20.03 -15.41
C ILE B 175 -39.21 -18.54 -15.28
N MET B 176 -37.92 -18.19 -15.38
CA MET B 176 -37.46 -16.81 -15.27
C MET B 176 -37.05 -16.23 -16.62
N LYS B 177 -37.33 -14.93 -16.80
CA LYS B 177 -37.03 -14.19 -18.03
C LYS B 177 -35.53 -13.98 -18.24
N LEU B 178 -35.00 -14.55 -19.35
CA LEU B 178 -33.59 -14.42 -19.73
C LEU B 178 -33.44 -13.25 -20.69
N ASN B 179 -32.95 -12.11 -20.19
CA ASN B 179 -32.75 -10.91 -20.98
C ASN B 179 -31.46 -11.03 -21.81
N THR B 180 -31.62 -11.33 -23.11
CA THR B 180 -30.50 -11.48 -24.03
C THR B 180 -30.16 -10.09 -24.60
N GLU B 181 -29.09 -9.48 -24.07
CA GLU B 181 -28.62 -8.15 -24.48
C GLU B 181 -27.28 -8.26 -25.19
N ILE B 182 -27.13 -7.53 -26.29
CA ILE B 182 -25.90 -7.47 -27.09
C ILE B 182 -25.31 -6.06 -27.12
N ARG B 183 -24.01 -5.95 -26.83
CA ARG B 183 -23.28 -4.67 -26.81
C ARG B 183 -21.99 -4.76 -27.62
N ASP B 184 -21.79 -3.78 -28.52
CA ASP B 184 -20.60 -3.71 -29.38
C ASP B 184 -19.60 -2.67 -28.87
N VAL B 185 -18.31 -3.04 -28.82
CA VAL B 185 -17.23 -2.17 -28.35
C VAL B 185 -16.52 -1.49 -29.56
N GLY B 186 -15.94 -0.33 -29.33
CA GLY B 186 -15.26 0.47 -30.35
C GLY B 186 -13.99 -0.12 -30.94
N PRO B 187 -13.19 0.70 -31.66
CA PRO B 187 -11.96 0.16 -32.28
C PRO B 187 -10.90 -0.26 -31.27
N LEU B 188 -10.21 -1.38 -31.56
CA LEU B 188 -9.16 -1.94 -30.70
C LEU B 188 -7.81 -1.87 -31.38
N SER B 189 -6.84 -1.19 -30.75
CA SER B 189 -5.49 -1.01 -31.27
C SER B 189 -4.50 -1.98 -30.62
N LYS B 190 -4.53 -2.09 -29.28
CA LYS B 190 -3.66 -2.98 -28.51
C LYS B 190 -4.19 -4.41 -28.52
N LYS B 191 -3.27 -5.40 -28.64
CA LYS B 191 -3.59 -6.81 -28.66
C LYS B 191 -4.03 -7.30 -27.29
N GLY B 192 -5.21 -7.91 -27.23
CA GLY B 192 -5.79 -8.44 -26.00
C GLY B 192 -6.61 -7.43 -25.21
N PHE B 193 -7.66 -7.91 -24.53
CA PHE B 193 -8.57 -7.10 -23.72
C PHE B 193 -9.23 -7.88 -22.57
N TYR B 194 -9.82 -7.16 -21.59
CA TYR B 194 -10.51 -7.72 -20.43
C TYR B 194 -11.93 -7.15 -20.32
N LEU B 195 -12.86 -7.92 -19.73
CA LEU B 195 -14.24 -7.49 -19.52
C LEU B 195 -14.63 -7.59 -18.05
N ALA B 196 -15.31 -6.55 -17.53
CA ALA B 196 -15.73 -6.50 -16.14
C ALA B 196 -17.22 -6.19 -15.97
N PHE B 197 -17.86 -6.86 -14.99
CA PHE B 197 -19.28 -6.70 -14.66
C PHE B 197 -19.40 -6.01 -13.29
N GLN B 198 -20.01 -4.82 -13.26
CA GLN B 198 -20.16 -4.04 -12.03
C GLN B 198 -21.58 -4.10 -11.48
N ASP B 199 -21.71 -4.49 -10.20
CA ASP B 199 -22.97 -4.59 -9.49
C ASP B 199 -23.12 -3.43 -8.51
N VAL B 200 -24.30 -2.79 -8.50
CA VAL B 200 -24.61 -1.64 -7.63
C VAL B 200 -25.69 -1.97 -6.58
N GLY B 201 -25.84 -3.26 -6.28
CA GLY B 201 -26.80 -3.76 -5.31
C GLY B 201 -28.07 -4.27 -5.98
N ALA B 202 -27.92 -5.25 -6.88
CA ALA B 202 -29.01 -5.85 -7.64
C ALA B 202 -28.94 -7.38 -7.63
N CYS B 203 -30.11 -8.05 -7.65
CA CYS B 203 -30.19 -9.51 -7.67
C CYS B 203 -30.04 -9.97 -9.13
N ILE B 204 -28.82 -10.40 -9.50
CA ILE B 204 -28.48 -10.82 -10.86
C ILE B 204 -27.69 -12.13 -10.92
N ALA B 205 -27.85 -12.87 -12.05
CA ALA B 205 -27.16 -14.12 -12.34
C ALA B 205 -26.77 -14.14 -13.83
N LEU B 206 -25.46 -14.14 -14.12
CA LEU B 206 -24.95 -14.16 -15.49
C LEU B 206 -24.92 -15.60 -16.01
N VAL B 207 -25.94 -15.96 -16.81
CA VAL B 207 -26.11 -17.31 -17.37
C VAL B 207 -25.10 -17.60 -18.50
N SER B 208 -25.16 -16.82 -19.60
CA SER B 208 -24.28 -17.02 -20.75
C SER B 208 -23.59 -15.72 -21.18
N VAL B 209 -22.25 -15.76 -21.29
CA VAL B 209 -21.43 -14.63 -21.71
C VAL B 209 -20.69 -15.03 -23.00
N ARG B 210 -21.18 -14.51 -24.15
CA ARG B 210 -20.61 -14.81 -25.46
C ARG B 210 -19.83 -13.60 -25.99
N VAL B 211 -18.57 -13.81 -26.40
CA VAL B 211 -17.69 -12.78 -26.94
C VAL B 211 -17.29 -13.22 -28.35
N PHE B 212 -17.75 -12.50 -29.38
CA PHE B 212 -17.46 -12.83 -30.78
C PHE B 212 -17.38 -11.61 -31.70
N TYR B 213 -16.54 -11.71 -32.74
CA TYR B 213 -16.37 -10.67 -33.76
C TYR B 213 -17.04 -11.09 -35.07
N LYS B 214 -17.66 -10.14 -35.78
CA LYS B 214 -18.33 -10.43 -37.05
C LYS B 214 -17.32 -10.62 -38.17
N LYS B 215 -17.49 -11.70 -38.94
CA LYS B 215 -16.62 -12.13 -40.02
C LYS B 215 -17.40 -12.28 -41.33
N CYS B 216 -16.77 -11.93 -42.47
CA CYS B 216 -17.39 -12.07 -43.79
C CYS B 216 -17.09 -13.49 -44.32
N PRO B 217 -18.12 -14.33 -44.56
CA PRO B 217 -17.86 -15.72 -44.99
C PRO B 217 -17.33 -15.88 -46.41
N LEU B 218 -16.68 -17.04 -46.66
CA LEU B 218 -16.12 -17.43 -47.95
C LEU B 218 -17.28 -17.79 -48.91
N THR B 219 -17.59 -16.88 -49.84
CA THR B 219 -18.70 -17.04 -50.79
C THR B 219 -18.24 -16.72 -52.23
N VAL B 220 -18.82 -17.45 -53.21
CA VAL B 220 -18.53 -17.27 -54.64
C VAL B 220 -19.75 -16.62 -55.33
N ARG B 221 -19.58 -15.37 -55.77
CA ARG B 221 -20.61 -14.60 -56.48
C ARG B 221 -20.05 -13.93 -57.72
N ASN B 222 -20.86 -13.88 -58.80
CA ASN B 222 -20.50 -13.32 -60.12
C ASN B 222 -19.25 -13.99 -60.73
N LEU B 223 -19.15 -15.32 -60.56
CA LEU B 223 -18.07 -16.20 -61.04
C LEU B 223 -16.67 -15.81 -60.54
N ALA B 224 -16.57 -15.47 -59.24
CA ALA B 224 -15.32 -15.10 -58.60
C ALA B 224 -15.29 -15.53 -57.12
N GLN B 225 -14.15 -16.09 -56.68
CA GLN B 225 -13.98 -16.55 -55.30
C GLN B 225 -13.51 -15.42 -54.38
N PHE B 226 -14.07 -15.38 -53.17
CA PHE B 226 -13.76 -14.38 -52.14
C PHE B 226 -13.35 -15.05 -50.82
N PRO B 227 -12.17 -14.71 -50.24
CA PRO B 227 -11.77 -15.36 -48.98
C PRO B 227 -12.39 -14.74 -47.73
N ASP B 228 -12.24 -15.42 -46.57
CA ASP B 228 -12.75 -14.97 -45.28
C ASP B 228 -11.98 -13.74 -44.79
N THR B 229 -12.70 -12.63 -44.56
CA THR B 229 -12.12 -11.35 -44.11
C THR B 229 -12.75 -10.83 -42.83
N ILE B 230 -11.92 -10.26 -41.95
CA ILE B 230 -12.32 -9.69 -40.66
C ILE B 230 -12.89 -8.27 -40.88
N THR B 231 -13.90 -7.87 -40.08
CA THR B 231 -14.57 -6.58 -40.14
C THR B 231 -13.67 -5.37 -39.79
N GLY B 232 -14.15 -4.18 -40.13
CA GLY B 232 -13.46 -2.92 -39.87
C GLY B 232 -13.60 -2.41 -38.44
N ALA B 233 -13.12 -1.18 -38.19
CA ALA B 233 -13.14 -0.53 -36.88
C ALA B 233 -14.53 -0.01 -36.48
N ASP B 234 -15.26 0.61 -37.42
CA ASP B 234 -16.59 1.19 -37.21
C ASP B 234 -17.70 0.27 -37.73
N THR B 235 -18.94 0.45 -37.21
CA THR B 235 -20.12 -0.32 -37.62
C THR B 235 -20.64 0.13 -39.00
N SER B 236 -20.32 1.36 -39.41
CA SER B 236 -20.69 1.94 -40.69
C SER B 236 -19.55 1.85 -41.74
N SER B 237 -18.37 1.35 -41.31
CA SER B 237 -17.17 1.21 -42.15
C SER B 237 -17.32 0.20 -43.29
N LEU B 238 -16.50 0.37 -44.34
CA LEU B 238 -16.49 -0.47 -45.53
C LEU B 238 -15.11 -1.07 -45.77
N VAL B 239 -15.04 -2.41 -45.96
CA VAL B 239 -13.79 -3.14 -46.19
C VAL B 239 -13.71 -3.61 -47.65
N GLU B 240 -12.67 -3.16 -48.37
CA GLU B 240 -12.44 -3.53 -49.77
C GLU B 240 -11.76 -4.90 -49.82
N VAL B 241 -12.47 -5.90 -50.38
CA VAL B 241 -11.98 -7.27 -50.49
C VAL B 241 -11.76 -7.64 -51.97
N ARG B 242 -10.49 -7.80 -52.38
CA ARG B 242 -10.12 -8.15 -53.74
C ARG B 242 -10.03 -9.67 -53.93
N GLY B 243 -10.77 -10.19 -54.91
CA GLY B 243 -10.82 -11.61 -55.22
C GLY B 243 -10.19 -11.99 -56.54
N SER B 244 -10.59 -13.15 -57.10
CA SER B 244 -10.10 -13.68 -58.36
C SER B 244 -11.17 -14.50 -59.08
N CYS B 245 -11.21 -14.38 -60.43
CA CYS B 245 -12.15 -15.10 -61.30
C CYS B 245 -11.88 -16.60 -61.33
N VAL B 246 -12.90 -17.41 -61.68
CA VAL B 246 -12.79 -18.87 -61.74
C VAL B 246 -12.81 -19.38 -63.19
N ASN B 247 -11.71 -20.06 -63.59
CA ASN B 247 -11.48 -20.69 -64.90
C ASN B 247 -11.66 -19.77 -66.14
N ASN B 248 -10.97 -18.59 -66.12
CA ASN B 248 -10.98 -17.60 -67.21
C ASN B 248 -9.79 -16.63 -67.12
N SER B 249 -9.36 -16.11 -68.30
CA SER B 249 -8.23 -15.17 -68.43
C SER B 249 -8.57 -13.72 -68.06
N GLU B 250 -9.87 -13.39 -67.92
CA GLU B 250 -10.36 -12.04 -67.57
C GLU B 250 -9.87 -11.57 -66.20
N GLU B 251 -9.05 -10.49 -66.20
CA GLU B 251 -8.46 -9.88 -65.01
C GLU B 251 -8.44 -8.34 -65.06
N LYS B 252 -8.95 -7.74 -66.18
CA LYS B 252 -9.00 -6.28 -66.39
C LYS B 252 -9.85 -5.60 -65.32
N ASP B 253 -11.15 -5.95 -65.24
CA ASP B 253 -12.05 -5.40 -64.23
C ASP B 253 -11.88 -6.17 -62.92
N VAL B 254 -11.55 -5.45 -61.85
CA VAL B 254 -11.32 -6.02 -60.53
C VAL B 254 -12.58 -6.67 -59.92
N PRO B 255 -12.58 -8.00 -59.69
CA PRO B 255 -13.77 -8.64 -59.10
C PRO B 255 -13.76 -8.46 -57.58
N LYS B 256 -14.40 -7.37 -57.12
CA LYS B 256 -14.46 -7.05 -55.70
C LYS B 256 -15.86 -6.77 -55.16
N MET B 257 -16.10 -7.21 -53.92
CA MET B 257 -17.37 -7.05 -53.21
C MET B 257 -17.05 -6.38 -51.87
N TYR B 258 -17.53 -5.15 -51.67
CA TYR B 258 -17.30 -4.40 -50.44
C TYR B 258 -18.14 -5.00 -49.30
N CYS B 259 -17.47 -5.51 -48.27
CA CYS B 259 -18.14 -6.13 -47.11
C CYS B 259 -18.27 -5.15 -45.96
N GLY B 260 -19.48 -5.09 -45.38
CA GLY B 260 -19.78 -4.22 -44.26
C GLY B 260 -19.43 -4.84 -42.92
N ALA B 261 -20.03 -4.32 -41.84
CA ALA B 261 -19.80 -4.80 -40.48
C ALA B 261 -20.70 -5.97 -40.11
N ASP B 262 -21.91 -6.04 -40.71
CA ASP B 262 -22.92 -7.07 -40.46
C ASP B 262 -22.46 -8.49 -40.80
N GLY B 263 -21.58 -8.63 -41.78
CA GLY B 263 -21.04 -9.92 -42.19
C GLY B 263 -21.37 -10.31 -43.62
N GLU B 264 -22.64 -10.11 -44.03
CA GLU B 264 -23.12 -10.45 -45.36
C GLU B 264 -22.64 -9.46 -46.42
N TRP B 265 -22.19 -9.97 -47.58
CA TRP B 265 -21.72 -9.18 -48.73
C TRP B 265 -22.94 -8.51 -49.38
N LEU B 266 -22.84 -7.21 -49.71
CA LEU B 266 -23.97 -6.47 -50.28
C LEU B 266 -23.77 -5.89 -51.67
N VAL B 267 -22.65 -5.19 -51.92
CA VAL B 267 -22.39 -4.54 -53.21
C VAL B 267 -21.39 -5.25 -54.16
N PRO B 268 -21.89 -5.91 -55.24
CA PRO B 268 -20.97 -6.61 -56.16
C PRO B 268 -20.49 -5.77 -57.33
N ILE B 269 -19.16 -5.63 -57.49
CA ILE B 269 -18.55 -4.85 -58.56
C ILE B 269 -17.80 -5.76 -59.55
N GLY B 270 -18.18 -5.68 -60.83
CA GLY B 270 -17.57 -6.45 -61.91
C GLY B 270 -18.06 -7.88 -62.02
N ASN B 271 -18.04 -8.42 -63.25
CA ASN B 271 -18.46 -9.79 -63.56
C ASN B 271 -17.43 -10.47 -64.47
N CYS B 272 -17.02 -11.69 -64.09
CA CYS B 272 -16.05 -12.48 -64.85
C CYS B 272 -16.78 -13.33 -65.89
N LEU B 273 -16.43 -13.16 -67.18
CA LEU B 273 -17.03 -13.97 -68.24
C LEU B 273 -16.32 -15.30 -68.38
N CYS B 274 -17.09 -16.39 -68.46
CA CYS B 274 -16.57 -17.76 -68.59
C CYS B 274 -15.86 -18.02 -69.91
N ASN B 275 -14.85 -18.90 -69.87
CA ASN B 275 -14.02 -19.33 -71.01
C ASN B 275 -14.83 -20.12 -72.04
N ALA B 276 -14.36 -20.15 -73.31
CA ALA B 276 -15.00 -20.86 -74.42
C ALA B 276 -15.07 -22.37 -74.14
N GLY B 277 -16.30 -22.87 -74.04
CA GLY B 277 -16.59 -24.28 -73.74
C GLY B 277 -16.92 -24.51 -72.28
N HIS B 278 -17.36 -23.45 -71.57
CA HIS B 278 -17.72 -23.48 -70.14
C HIS B 278 -18.91 -22.57 -69.85
N GLU B 279 -19.87 -23.04 -69.02
CA GLU B 279 -21.07 -22.28 -68.64
C GLU B 279 -21.22 -22.06 -67.13
N GLU B 280 -21.94 -20.99 -66.74
CA GLU B 280 -22.20 -20.63 -65.35
C GLU B 280 -23.25 -21.55 -64.74
N ARG B 281 -22.98 -22.06 -63.53
CA ARG B 281 -23.88 -22.93 -62.77
C ARG B 281 -24.11 -22.36 -61.36
N SER B 282 -24.44 -23.19 -60.36
CA SER B 282 -24.67 -22.72 -58.98
C SER B 282 -23.39 -22.24 -58.29
N GLY B 283 -22.30 -22.99 -58.45
CA GLY B 283 -21.02 -22.67 -57.87
C GLY B 283 -19.99 -22.32 -58.93
N GLU B 284 -19.13 -23.29 -59.26
CA GLU B 284 -18.06 -23.16 -60.26
C GLU B 284 -18.60 -23.13 -61.69
N CYS B 285 -17.78 -22.63 -62.64
CA CYS B 285 -18.12 -22.57 -64.05
C CYS B 285 -17.85 -23.93 -64.68
N GLN B 286 -18.92 -24.72 -64.92
CA GLN B 286 -18.83 -26.08 -65.46
C GLN B 286 -18.83 -26.12 -66.99
N ALA B 287 -18.06 -27.06 -67.55
CA ALA B 287 -17.89 -27.31 -68.98
C ALA B 287 -19.18 -27.81 -69.65
N CYS B 288 -19.30 -27.59 -70.99
CA CYS B 288 -20.45 -28.00 -71.79
C CYS B 288 -20.54 -29.53 -71.86
N LYS B 289 -21.76 -30.08 -71.68
CA LYS B 289 -22.05 -31.52 -71.70
C LYS B 289 -21.88 -32.13 -73.10
N ILE B 290 -21.89 -33.48 -73.19
CA ILE B 290 -21.76 -34.21 -74.46
C ILE B 290 -22.92 -33.85 -75.42
N GLY B 291 -22.58 -33.10 -76.46
CA GLY B 291 -23.51 -32.63 -77.47
C GLY B 291 -23.82 -31.14 -77.35
N TYR B 292 -22.90 -30.38 -76.73
CA TYR B 292 -23.01 -28.94 -76.52
C TYR B 292 -21.68 -28.23 -76.83
N TYR B 293 -21.76 -26.98 -77.34
CA TYR B 293 -20.59 -26.18 -77.71
C TYR B 293 -20.70 -24.70 -77.32
N LYS B 294 -19.54 -24.01 -77.27
CA LYS B 294 -19.42 -22.59 -76.96
C LYS B 294 -18.15 -22.05 -77.64
N ALA B 295 -18.32 -21.42 -78.80
CA ALA B 295 -17.22 -20.88 -79.61
C ALA B 295 -16.57 -19.63 -79.00
N LEU B 296 -17.39 -18.64 -78.60
CA LEU B 296 -16.91 -17.38 -78.02
C LEU B 296 -17.37 -17.20 -76.57
N SER B 297 -16.63 -16.36 -75.81
CA SER B 297 -16.93 -16.05 -74.41
C SER B 297 -18.17 -15.13 -74.32
N THR B 298 -19.34 -15.77 -74.12
CA THR B 298 -20.64 -15.10 -74.01
C THR B 298 -21.31 -15.49 -72.68
N ASP B 299 -22.21 -14.63 -72.16
CA ASP B 299 -22.94 -14.87 -70.91
C ASP B 299 -23.94 -16.04 -71.04
N ALA B 300 -24.45 -16.27 -72.28
CA ALA B 300 -25.41 -17.33 -72.60
C ALA B 300 -24.81 -18.73 -72.41
N THR B 301 -25.65 -19.71 -72.02
CA THR B 301 -25.26 -21.11 -71.78
C THR B 301 -24.88 -21.87 -73.07
N CYS B 302 -24.31 -23.08 -72.91
CA CYS B 302 -23.87 -23.95 -74.00
C CYS B 302 -25.04 -24.36 -74.90
N ALA B 303 -24.92 -24.11 -76.22
CA ALA B 303 -25.93 -24.44 -77.21
C ALA B 303 -25.68 -25.83 -77.79
N LYS B 304 -26.76 -26.54 -78.16
CA LYS B 304 -26.73 -27.88 -78.74
C LYS B 304 -26.08 -27.87 -80.14
N CYS B 305 -25.45 -28.99 -80.54
CA CYS B 305 -24.78 -29.15 -81.83
C CYS B 305 -25.71 -28.83 -83.01
N PRO B 306 -25.24 -28.09 -84.05
CA PRO B 306 -26.13 -27.77 -85.18
C PRO B 306 -26.49 -28.99 -86.04
N PRO B 307 -27.56 -28.94 -86.88
CA PRO B 307 -27.91 -30.14 -87.69
C PRO B 307 -26.77 -30.67 -88.56
N HIS B 308 -26.68 -32.01 -88.66
CA HIS B 308 -25.66 -32.77 -89.41
C HIS B 308 -24.23 -32.57 -88.87
N SER B 309 -24.09 -32.58 -87.52
CA SER B 309 -22.81 -32.41 -86.83
C SER B 309 -22.62 -33.47 -85.74
N TYR B 310 -21.42 -34.09 -85.74
CA TYR B 310 -21.01 -35.13 -84.80
C TYR B 310 -20.81 -34.58 -83.39
N SER B 311 -21.28 -35.34 -82.37
CA SER B 311 -21.17 -34.97 -80.96
C SER B 311 -19.74 -35.18 -80.43
N VAL B 312 -19.17 -34.13 -79.82
CA VAL B 312 -17.81 -34.14 -79.27
C VAL B 312 -17.86 -34.38 -77.75
N TRP B 313 -16.70 -34.70 -77.13
CA TRP B 313 -16.52 -34.94 -75.70
C TRP B 313 -16.83 -33.70 -74.84
N GLU B 314 -16.99 -33.90 -73.51
CA GLU B 314 -17.30 -32.85 -72.53
C GLU B 314 -16.28 -31.70 -72.56
N GLY B 315 -16.80 -30.48 -72.72
CA GLY B 315 -15.99 -29.26 -72.78
C GLY B 315 -15.41 -29.03 -74.15
N ALA B 316 -16.29 -28.91 -75.17
CA ALA B 316 -15.90 -28.69 -76.57
C ALA B 316 -16.11 -27.24 -77.01
N THR B 317 -15.21 -26.75 -77.88
CA THR B 317 -15.25 -25.38 -78.43
C THR B 317 -16.30 -25.29 -79.54
N SER B 318 -16.31 -26.27 -80.46
CA SER B 318 -17.27 -26.33 -81.58
C SER B 318 -17.56 -27.77 -81.97
N CYS B 319 -18.84 -28.08 -82.29
CA CYS B 319 -19.28 -29.41 -82.69
C CYS B 319 -18.73 -29.77 -84.08
N THR B 320 -17.85 -30.79 -84.12
CA THR B 320 -17.22 -31.28 -85.35
C THR B 320 -18.23 -31.91 -86.31
N CYS B 321 -17.98 -31.78 -87.63
CA CYS B 321 -18.86 -32.31 -88.67
C CYS B 321 -18.50 -33.77 -89.01
N ASP B 322 -19.53 -34.62 -89.15
CA ASP B 322 -19.36 -36.04 -89.48
C ASP B 322 -18.98 -36.24 -90.96
N ARG B 323 -18.59 -37.47 -91.35
CA ARG B 323 -18.18 -37.85 -92.70
C ARG B 323 -19.22 -37.47 -93.76
N GLY B 324 -18.76 -36.80 -94.81
CA GLY B 324 -19.61 -36.33 -95.90
C GLY B 324 -19.96 -34.86 -95.79
N PHE B 325 -19.81 -34.27 -94.59
CA PHE B 325 -20.09 -32.87 -94.28
C PHE B 325 -18.83 -32.17 -93.79
N PHE B 326 -18.59 -30.93 -94.28
CA PHE B 326 -17.43 -30.12 -93.91
C PHE B 326 -17.81 -28.64 -93.76
N ARG B 327 -17.25 -27.96 -92.74
CA ARG B 327 -17.51 -26.54 -92.46
C ARG B 327 -16.38 -25.64 -92.97
N ALA B 328 -16.75 -24.49 -93.55
CA ALA B 328 -15.81 -23.52 -94.10
C ALA B 328 -15.10 -22.70 -93.02
N ASP B 329 -13.87 -22.23 -93.33
CA ASP B 329 -13.02 -21.44 -92.44
C ASP B 329 -13.62 -20.05 -92.16
N ASN B 330 -14.10 -19.35 -93.21
CA ASN B 330 -14.70 -18.03 -93.12
C ASN B 330 -16.11 -18.07 -92.49
N ASP B 331 -16.80 -19.22 -92.63
CA ASP B 331 -18.15 -19.44 -92.08
C ASP B 331 -18.14 -19.57 -90.56
N ALA B 332 -19.17 -19.01 -89.91
CA ALA B 332 -19.35 -19.01 -88.45
C ALA B 332 -19.65 -20.39 -87.89
N ALA B 333 -19.31 -20.62 -86.60
CA ALA B 333 -19.52 -21.87 -85.87
C ALA B 333 -21.01 -22.18 -85.63
N SER B 334 -21.85 -21.13 -85.55
CA SER B 334 -23.30 -21.24 -85.33
C SER B 334 -24.05 -21.90 -86.51
N MET B 335 -23.53 -21.70 -87.74
CA MET B 335 -24.09 -22.26 -88.96
C MET B 335 -23.95 -23.79 -89.05
N PRO B 336 -24.97 -24.54 -89.55
CA PRO B 336 -24.84 -26.00 -89.65
C PRO B 336 -23.91 -26.46 -90.77
N CYS B 337 -23.60 -27.76 -90.81
CA CYS B 337 -22.73 -28.34 -91.82
C CYS B 337 -23.46 -28.77 -93.09
N THR B 338 -22.89 -28.44 -94.27
CA THR B 338 -23.44 -28.77 -95.58
C THR B 338 -22.35 -29.39 -96.45
#